data_8OV8
#
_entry.id   8OV8
#
_cell.length_a   83.420
_cell.length_b   99.729
_cell.length_c   103.099
_cell.angle_alpha   90.000
_cell.angle_beta   90.000
_cell.angle_gamma   90.000
#
_symmetry.space_group_name_H-M   'P 21 21 21'
#
loop_
_entity.id
_entity.type
_entity.pdbx_description
1 polymer 'Ene-reductase 1'
2 non-polymer 'NADP NICOTINAMIDE-ADENINE-DINUCLEOTIDE PHOSPHATE'
3 non-polymer 'SULFATE ION'
4 non-polymer 'SODIUM ION'
5 water water
#
_entity_poly.entity_id   1
_entity_poly.type   'polypeptide(L)'
_entity_poly.pdbx_seq_one_letter_code
;MAPVTNGRIIFNSIPTGFPVPGETTIYDTTETIDLDTAPLDGGFLLKTLELSVDPYMRGGMRAPEKKSYSAPFTLGQPLR
GYGVGVVLRSENPQVKAGDHLYGFFEHTHYSIRKDLTGLQAIENAYNLPWSVFIGVIGMPGKTAYMAWKEYAHPKQGETV
FVSTGAGPVGSFVIQLAKADGLKVIASAGSEEKVQFMKEVGADVAFNYKTTNTAEVLEKEGPIDIYWDNVGGETLEAALN
AANVNARFIECGMISGYNSGGAPVRNIFHVIGKSITMTGFIVSRIEPKYSAEFYKEVPAKVASGELKYREHVYNGLEKLG
DVILAVQKGENKAKAVVHVADDLEHHHHHH
;
_entity_poly.pdbx_strand_id   A,B
#
loop_
_chem_comp.id
_chem_comp.type
_chem_comp.name
_chem_comp.formula
NA non-polymer 'SODIUM ION' 'Na 1'
NAP non-polymer 'NADP NICOTINAMIDE-ADENINE-DINUCLEOTIDE PHOSPHATE' 'C21 H28 N7 O17 P3'
SO4 non-polymer 'SULFATE ION' 'O4 S -2'
#
# COMPACT_ATOMS: atom_id res chain seq x y z
N ALA A 2 -36.20 -28.78 -35.02
CA ALA A 2 -36.32 -29.14 -33.61
C ALA A 2 -35.58 -28.14 -32.73
N PRO A 3 -36.14 -26.94 -32.58
CA PRO A 3 -35.44 -25.87 -31.87
C PRO A 3 -35.40 -26.12 -30.36
N VAL A 4 -34.27 -25.78 -29.75
CA VAL A 4 -34.04 -26.01 -28.33
C VAL A 4 -33.96 -24.67 -27.60
N THR A 5 -34.16 -24.72 -26.28
CA THR A 5 -34.04 -23.52 -25.46
C THR A 5 -32.61 -23.01 -25.46
N ASN A 6 -32.47 -21.72 -25.68
CA ASN A 6 -31.21 -21.01 -25.49
C ASN A 6 -31.42 -20.12 -24.27
N GLY A 7 -31.24 -20.71 -23.09
CA GLY A 7 -31.49 -19.98 -21.86
C GLY A 7 -30.45 -18.91 -21.62
N ARG A 8 -30.82 -17.92 -20.80
CA ARG A 8 -29.94 -16.79 -20.52
C ARG A 8 -30.09 -16.34 -19.07
N ILE A 9 -28.96 -16.03 -18.43
CA ILE A 9 -28.96 -15.37 -17.12
C ILE A 9 -28.82 -13.88 -17.36
N ILE A 10 -29.85 -13.12 -16.99
CA ILE A 10 -29.96 -11.70 -17.29
C ILE A 10 -29.68 -10.90 -16.03
N PHE A 11 -28.88 -9.84 -16.17
CA PHE A 11 -28.70 -8.86 -15.09
C PHE A 11 -29.96 -8.01 -15.01
N ASN A 12 -30.70 -8.14 -13.90
CA ASN A 12 -32.05 -7.61 -13.83
C ASN A 12 -32.18 -6.38 -12.94
N SER A 13 -31.41 -6.28 -11.86
CA SER A 13 -31.50 -5.09 -11.01
C SER A 13 -30.23 -4.95 -10.19
N ILE A 14 -29.98 -3.72 -9.75
CA ILE A 14 -28.78 -3.41 -8.97
C ILE A 14 -29.02 -3.81 -7.52
N PRO A 15 -28.20 -4.69 -6.94
CA PRO A 15 -28.41 -5.10 -5.55
C PRO A 15 -27.91 -4.05 -4.58
N THR A 16 -28.51 -4.05 -3.38
CA THR A 16 -28.10 -3.14 -2.32
C THR A 16 -26.99 -3.71 -1.46
N GLY A 17 -27.16 -4.94 -0.99
CA GLY A 17 -26.11 -5.66 -0.30
C GLY A 17 -25.68 -6.86 -1.13
N PHE A 18 -26.00 -8.06 -0.65
CA PHE A 18 -25.69 -9.25 -1.41
C PHE A 18 -26.63 -9.40 -2.60
N PRO A 19 -26.20 -10.09 -3.65
CA PRO A 19 -27.09 -10.38 -4.77
C PRO A 19 -28.28 -11.18 -4.30
N VAL A 20 -29.42 -10.96 -4.94
CA VAL A 20 -30.65 -11.69 -4.64
C VAL A 20 -31.02 -12.51 -5.87
N PRO A 21 -30.72 -13.81 -5.90
CA PRO A 21 -31.12 -14.62 -7.06
C PRO A 21 -32.62 -14.53 -7.29
N GLY A 22 -33.01 -14.37 -8.56
CA GLY A 22 -34.38 -14.14 -8.94
C GLY A 22 -34.76 -12.67 -9.04
N GLU A 23 -34.08 -11.79 -8.31
CA GLU A 23 -34.26 -10.35 -8.44
CA GLU A 23 -34.27 -10.35 -8.46
C GLU A 23 -33.04 -9.69 -9.10
N THR A 24 -31.85 -9.86 -8.52
CA THR A 24 -30.64 -9.32 -9.13
C THR A 24 -30.39 -9.96 -10.49
N THR A 25 -30.57 -11.28 -10.57
CA THR A 25 -30.45 -12.04 -11.79
C THR A 25 -31.75 -12.80 -12.04
N ILE A 26 -32.12 -12.91 -13.32
CA ILE A 26 -33.25 -13.73 -13.70
C ILE A 26 -32.80 -14.73 -14.75
N TYR A 27 -33.53 -15.85 -14.82
CA TYR A 27 -33.29 -16.88 -15.82
C TYR A 27 -34.38 -16.74 -16.88
N ASP A 28 -33.97 -16.56 -18.12
CA ASP A 28 -34.87 -16.27 -19.24
C ASP A 28 -34.75 -17.42 -20.22
N THR A 29 -35.86 -18.11 -20.43
CA THR A 29 -35.95 -19.26 -21.32
C THR A 29 -36.82 -19.00 -22.54
N THR A 30 -37.05 -17.73 -22.88
CA THR A 30 -37.96 -17.41 -23.98
C THR A 30 -37.30 -17.55 -25.35
N GLU A 31 -35.98 -17.59 -25.43
CA GLU A 31 -35.30 -17.70 -26.71
C GLU A 31 -35.07 -19.16 -27.08
N THR A 32 -35.24 -19.43 -28.37
CA THR A 32 -35.00 -20.74 -28.94
C THR A 32 -33.94 -20.61 -30.03
N ILE A 33 -33.36 -21.74 -30.39
CA ILE A 33 -32.38 -21.79 -31.48
C ILE A 33 -32.47 -23.16 -32.11
N ASP A 34 -32.40 -23.21 -33.43
CA ASP A 34 -32.32 -24.48 -34.15
C ASP A 34 -30.85 -24.66 -34.51
N LEU A 35 -30.20 -25.62 -33.83
CA LEU A 35 -28.75 -25.77 -33.95
C LEU A 35 -28.33 -26.07 -35.38
N ASP A 36 -29.18 -26.73 -36.15
CA ASP A 36 -28.79 -27.11 -37.50
C ASP A 36 -29.01 -26.00 -38.53
N THR A 37 -30.03 -25.15 -38.33
CA THR A 37 -30.40 -24.18 -39.36
C THR A 37 -30.01 -22.74 -39.04
N ALA A 38 -29.69 -22.43 -37.77
CA ALA A 38 -29.31 -21.08 -37.38
C ALA A 38 -28.35 -20.49 -38.41
N PRO A 39 -28.66 -19.31 -38.96
CA PRO A 39 -27.74 -18.70 -39.94
C PRO A 39 -26.44 -18.26 -39.25
N LEU A 40 -25.32 -18.76 -39.77
CA LEU A 40 -24.02 -18.43 -39.19
C LEU A 40 -23.38 -17.23 -39.87
N ASP A 41 -23.66 -17.00 -41.15
CA ASP A 41 -23.15 -15.84 -41.86
C ASP A 41 -21.63 -15.76 -41.71
N GLY A 42 -20.95 -16.78 -42.21
CA GLY A 42 -19.51 -16.84 -42.15
C GLY A 42 -18.93 -17.04 -40.76
N GLY A 43 -19.74 -16.95 -39.71
CA GLY A 43 -19.30 -17.22 -38.36
C GLY A 43 -19.39 -18.69 -37.99
N PHE A 44 -19.52 -18.95 -36.69
CA PHE A 44 -19.61 -20.30 -36.18
C PHE A 44 -20.56 -20.30 -35.00
N LEU A 45 -21.13 -21.48 -34.74
CA LEU A 45 -22.05 -21.71 -33.63
C LEU A 45 -21.25 -22.27 -32.47
N LEU A 46 -21.34 -21.61 -31.31
CA LEU A 46 -20.51 -21.92 -30.16
C LEU A 46 -21.40 -22.40 -29.03
N LYS A 47 -21.11 -23.59 -28.51
CA LYS A 47 -21.88 -24.22 -27.44
C LYS A 47 -21.17 -24.02 -26.10
N THR A 48 -21.86 -23.39 -25.15
CA THR A 48 -21.28 -23.14 -23.84
C THR A 48 -21.18 -24.42 -23.04
N LEU A 49 -20.00 -24.72 -22.52
CA LEU A 49 -19.78 -25.93 -21.72
C LEU A 49 -19.63 -25.64 -20.24
N GLU A 50 -18.71 -24.73 -19.87
CA GLU A 50 -18.40 -24.39 -18.48
C GLU A 50 -18.35 -22.89 -18.35
N LEU A 51 -18.92 -22.37 -17.26
CA LEU A 51 -18.85 -20.96 -16.95
C LEU A 51 -18.21 -20.76 -15.58
N SER A 52 -17.31 -19.80 -15.49
CA SER A 52 -16.76 -19.44 -14.20
C SER A 52 -17.71 -18.51 -13.49
N VAL A 53 -17.79 -18.65 -12.17
CA VAL A 53 -18.33 -17.60 -11.31
C VAL A 53 -17.19 -17.11 -10.45
N ASP A 54 -16.97 -15.79 -10.46
CA ASP A 54 -15.84 -15.22 -9.75
C ASP A 54 -16.31 -14.11 -8.82
N PRO A 55 -15.59 -13.90 -7.72
CA PRO A 55 -15.94 -12.84 -6.77
C PRO A 55 -16.12 -11.46 -7.40
N TYR A 56 -15.33 -11.12 -8.43
CA TYR A 56 -15.39 -9.77 -8.99
C TYR A 56 -16.75 -9.45 -9.59
N MET A 57 -17.55 -10.47 -9.89
CA MET A 57 -18.82 -10.26 -10.57
C MET A 57 -19.76 -9.35 -9.77
N ARG A 58 -19.68 -9.40 -8.44
CA ARG A 58 -20.48 -8.50 -7.63
C ARG A 58 -20.18 -7.04 -7.97
N GLY A 59 -18.91 -6.71 -8.21
CA GLY A 59 -18.53 -5.34 -8.48
C GLY A 59 -19.07 -4.79 -9.78
N GLY A 60 -19.42 -5.66 -10.74
CA GLY A 60 -20.03 -5.22 -11.99
C GLY A 60 -21.51 -4.92 -11.90
N MET A 61 -22.11 -5.23 -10.75
CA MET A 61 -23.54 -5.07 -10.53
C MET A 61 -23.85 -3.69 -9.93
N ARG A 62 -23.75 -2.67 -10.78
CA ARG A 62 -23.89 -1.29 -10.33
C ARG A 62 -24.44 -0.45 -11.47
N ALA A 63 -24.78 0.80 -11.15
CA ALA A 63 -25.35 1.69 -12.15
C ALA A 63 -24.30 2.05 -13.19
N PRO A 64 -24.73 2.35 -14.43
CA PRO A 64 -23.75 2.61 -15.50
C PRO A 64 -23.06 3.96 -15.39
N GLU A 65 -23.44 4.81 -14.43
CA GLU A 65 -22.84 6.13 -14.34
C GLU A 65 -21.52 6.10 -13.56
N LYS A 66 -21.51 5.41 -12.42
CA LYS A 66 -20.30 5.27 -11.60
C LYS A 66 -19.26 4.35 -12.23
N LYS A 67 -19.42 4.03 -13.51
CA LYS A 67 -18.46 3.27 -14.29
C LYS A 67 -17.05 3.65 -13.82
N SER A 68 -16.32 2.69 -13.24
CA SER A 68 -15.03 2.99 -12.64
C SER A 68 -13.87 2.40 -13.43
N TYR A 69 -13.21 1.38 -12.85
N TYR A 69 -13.22 1.35 -12.90
CA TYR A 69 -12.06 0.79 -13.54
CA TYR A 69 -12.04 0.84 -13.60
C TYR A 69 -12.49 -0.01 -14.76
C TYR A 69 -12.43 -0.09 -14.75
N SER A 70 -13.46 -0.90 -14.58
CA SER A 70 -13.93 -1.78 -15.65
C SER A 70 -15.33 -1.35 -16.09
N ALA A 71 -15.98 -2.21 -16.87
CA ALA A 71 -17.31 -1.94 -17.41
C ALA A 71 -18.37 -2.66 -16.58
N PRO A 72 -19.40 -1.98 -16.10
CA PRO A 72 -20.45 -2.66 -15.37
C PRO A 72 -21.33 -3.49 -16.30
N PHE A 73 -22.00 -4.48 -15.72
CA PHE A 73 -22.98 -5.24 -16.47
C PHE A 73 -24.13 -4.34 -16.91
N THR A 74 -24.69 -4.65 -18.07
CA THR A 74 -25.81 -3.88 -18.63
C THR A 74 -27.13 -4.47 -18.14
N LEU A 75 -27.99 -3.63 -17.57
CA LEU A 75 -29.30 -4.10 -17.15
C LEU A 75 -30.08 -4.63 -18.35
N GLY A 76 -30.70 -5.79 -18.17
CA GLY A 76 -31.48 -6.39 -19.22
C GLY A 76 -30.69 -7.24 -20.19
N GLN A 77 -29.37 -7.25 -20.09
CA GLN A 77 -28.51 -8.07 -20.92
C GLN A 77 -28.02 -9.28 -20.15
N PRO A 78 -27.65 -10.35 -20.85
CA PRO A 78 -27.04 -11.49 -20.15
C PRO A 78 -25.76 -11.08 -19.44
N LEU A 79 -25.52 -11.68 -18.28
CA LEU A 79 -24.22 -11.59 -17.66
C LEU A 79 -23.17 -12.24 -18.58
N ARG A 80 -21.91 -12.11 -18.20
CA ARG A 80 -20.83 -12.69 -18.97
C ARG A 80 -19.64 -12.91 -18.05
N GLY A 81 -18.74 -13.77 -18.51
CA GLY A 81 -17.51 -14.01 -17.80
C GLY A 81 -16.72 -15.10 -18.50
N TYR A 82 -15.68 -15.56 -17.83
CA TYR A 82 -14.81 -16.57 -18.42
C TYR A 82 -15.56 -17.90 -18.58
N GLY A 83 -15.24 -18.60 -19.66
CA GLY A 83 -15.88 -19.88 -19.90
C GLY A 83 -15.14 -20.65 -20.96
N VAL A 84 -15.57 -21.90 -21.13
CA VAL A 84 -15.09 -22.77 -22.19
C VAL A 84 -16.30 -23.24 -22.97
N GLY A 85 -16.17 -23.26 -24.31
CA GLY A 85 -17.24 -23.77 -25.15
C GLY A 85 -16.66 -24.58 -26.30
N VAL A 86 -17.55 -25.24 -27.04
CA VAL A 86 -17.13 -26.04 -28.17
C VAL A 86 -17.88 -25.59 -29.41
N VAL A 87 -17.18 -25.56 -30.54
CA VAL A 87 -17.78 -25.19 -31.81
C VAL A 87 -18.62 -26.34 -32.33
N LEU A 88 -19.88 -26.06 -32.68
CA LEU A 88 -20.76 -27.07 -33.25
C LEU A 88 -20.75 -27.05 -34.77
N ARG A 89 -20.65 -25.85 -35.36
CA ARG A 89 -20.82 -25.68 -36.79
C ARG A 89 -20.14 -24.39 -37.20
N SER A 90 -19.37 -24.43 -38.27
CA SER A 90 -18.54 -23.28 -38.63
C SER A 90 -18.62 -23.01 -40.12
N GLU A 91 -18.88 -21.75 -40.47
CA GLU A 91 -18.65 -21.24 -41.81
C GLU A 91 -17.41 -20.36 -41.86
N ASN A 92 -16.59 -20.39 -40.79
CA ASN A 92 -15.37 -19.61 -40.70
C ASN A 92 -14.19 -20.54 -40.93
N PRO A 93 -13.34 -20.29 -41.94
CA PRO A 93 -12.29 -21.25 -42.28
C PRO A 93 -11.30 -21.54 -41.17
N GLN A 94 -11.04 -20.57 -40.28
CA GLN A 94 -10.12 -20.77 -39.16
C GLN A 94 -10.71 -21.52 -37.97
N VAL A 95 -12.00 -21.79 -37.97
CA VAL A 95 -12.65 -22.42 -36.81
C VAL A 95 -13.40 -23.65 -37.31
N LYS A 96 -13.17 -24.77 -36.65
CA LYS A 96 -13.69 -26.06 -37.09
C LYS A 96 -14.56 -26.64 -36.00
N ALA A 97 -15.62 -27.34 -36.42
CA ALA A 97 -16.48 -28.02 -35.47
C ALA A 97 -15.64 -28.91 -34.57
N GLY A 98 -15.99 -28.92 -33.28
CA GLY A 98 -15.20 -29.62 -32.29
C GLY A 98 -14.10 -28.79 -31.65
N ASP A 99 -13.76 -27.61 -32.19
CA ASP A 99 -12.75 -26.76 -31.56
C ASP A 99 -13.23 -26.31 -30.20
N HIS A 100 -12.37 -26.44 -29.19
CA HIS A 100 -12.67 -25.94 -27.85
C HIS A 100 -12.00 -24.59 -27.68
N LEU A 101 -12.76 -23.61 -27.18
CA LEU A 101 -12.31 -22.23 -27.09
C LEU A 101 -12.48 -21.70 -25.68
N TYR A 102 -11.55 -20.82 -25.28
CA TYR A 102 -11.55 -20.18 -23.98
C TYR A 102 -11.63 -18.67 -24.15
N GLY A 103 -12.45 -18.02 -23.33
CA GLY A 103 -12.50 -16.57 -23.35
C GLY A 103 -13.73 -16.10 -22.60
N PHE A 104 -14.18 -14.90 -22.93
CA PHE A 104 -15.41 -14.40 -22.34
C PHE A 104 -16.63 -15.00 -23.02
N PHE A 105 -17.54 -15.54 -22.23
CA PHE A 105 -18.80 -16.09 -22.70
C PHE A 105 -19.95 -15.31 -22.08
N GLU A 106 -20.95 -14.98 -22.89
CA GLU A 106 -22.24 -14.61 -22.32
C GLU A 106 -22.83 -15.81 -21.58
N HIS A 107 -23.63 -15.53 -20.57
CA HIS A 107 -24.24 -16.60 -19.77
C HIS A 107 -25.50 -17.11 -20.47
N THR A 108 -25.25 -17.81 -21.59
CA THR A 108 -26.30 -18.40 -22.42
C THR A 108 -25.82 -19.78 -22.85
N HIS A 109 -26.77 -20.59 -23.37
CA HIS A 109 -26.42 -21.93 -23.81
C HIS A 109 -25.63 -21.90 -25.11
N TYR A 110 -26.00 -21.01 -26.03
CA TYR A 110 -25.38 -20.97 -27.35
C TYR A 110 -25.16 -19.53 -27.76
N SER A 111 -24.12 -19.32 -28.59
CA SER A 111 -23.89 -18.02 -29.20
C SER A 111 -23.40 -18.26 -30.62
N ILE A 112 -23.61 -17.24 -31.46
CA ILE A 112 -23.11 -17.21 -32.84
C ILE A 112 -22.00 -16.16 -32.89
N ARG A 113 -20.78 -16.60 -33.17
CA ARG A 113 -19.63 -15.69 -33.23
C ARG A 113 -19.19 -15.49 -34.67
N LYS A 114 -18.86 -14.25 -35.02
CA LYS A 114 -18.39 -13.97 -36.37
C LYS A 114 -16.95 -14.43 -36.55
N ASP A 115 -16.16 -14.41 -35.48
CA ASP A 115 -14.75 -14.78 -35.55
C ASP A 115 -14.26 -15.16 -34.15
N LEU A 116 -12.95 -15.32 -34.02
CA LEU A 116 -12.30 -15.71 -32.78
C LEU A 116 -12.02 -14.52 -31.86
N THR A 117 -12.60 -13.36 -32.14
CA THR A 117 -12.42 -12.20 -31.27
C THR A 117 -12.83 -12.55 -29.83
N GLY A 118 -11.93 -12.29 -28.90
CA GLY A 118 -12.17 -12.59 -27.50
C GLY A 118 -12.01 -14.05 -27.13
N LEU A 119 -11.52 -14.89 -28.05
CA LEU A 119 -11.43 -16.32 -27.84
C LEU A 119 -10.05 -16.81 -28.22
N GLN A 120 -9.62 -17.88 -27.54
N GLN A 120 -9.65 -17.93 -27.60
CA GLN A 120 -8.37 -18.58 -27.82
CA GLN A 120 -8.36 -18.55 -27.88
C GLN A 120 -8.65 -20.07 -27.92
C GLN A 120 -8.55 -20.06 -27.85
N ALA A 121 -7.96 -20.75 -28.82
CA ALA A 121 -8.00 -22.20 -28.81
C ALA A 121 -7.35 -22.71 -27.53
N ILE A 122 -7.91 -23.77 -26.98
CA ILE A 122 -7.41 -24.33 -25.72
C ILE A 122 -6.41 -25.41 -26.08
N GLU A 123 -5.21 -25.34 -25.50
CA GLU A 123 -4.22 -26.40 -25.65
C GLU A 123 -4.43 -27.38 -24.50
N ASN A 124 -4.94 -28.57 -24.80
CA ASN A 124 -5.29 -29.54 -23.78
C ASN A 124 -4.58 -30.86 -24.06
N ALA A 125 -3.25 -30.81 -23.99
CA ALA A 125 -2.42 -31.97 -24.33
C ALA A 125 -2.56 -33.10 -23.33
N TYR A 126 -3.00 -32.82 -22.11
CA TYR A 126 -3.11 -33.82 -21.07
C TYR A 126 -4.54 -34.29 -20.85
N ASN A 127 -5.47 -33.84 -21.69
CA ASN A 127 -6.87 -34.28 -21.59
C ASN A 127 -7.43 -34.01 -20.20
N LEU A 128 -7.13 -32.83 -19.67
CA LEU A 128 -7.66 -32.42 -18.39
C LEU A 128 -9.14 -32.05 -18.53
N PRO A 129 -9.89 -32.09 -17.44
CA PRO A 129 -11.28 -31.61 -17.49
C PRO A 129 -11.33 -30.18 -18.01
N TRP A 130 -12.30 -29.90 -18.89
CA TRP A 130 -12.34 -28.57 -19.51
C TRP A 130 -12.42 -27.45 -18.47
N SER A 131 -13.04 -27.72 -17.33
CA SER A 131 -13.16 -26.66 -16.33
C SER A 131 -11.82 -26.18 -15.76
N VAL A 132 -10.73 -26.95 -15.91
CA VAL A 132 -9.47 -26.44 -15.33
C VAL A 132 -9.03 -25.16 -16.04
N PHE A 133 -9.49 -24.92 -17.27
CA PHE A 133 -9.05 -23.74 -18.00
C PHE A 133 -9.78 -22.47 -17.60
N ILE A 134 -10.77 -22.55 -16.70
CA ILE A 134 -11.34 -21.36 -16.05
C ILE A 134 -10.96 -21.27 -14.58
N GLY A 135 -10.11 -22.18 -14.10
CA GLY A 135 -9.65 -22.15 -12.72
C GLY A 135 -8.14 -22.15 -12.58
N VAL A 136 -7.58 -23.32 -12.21
CA VAL A 136 -6.14 -23.41 -11.99
C VAL A 136 -5.34 -23.09 -13.26
N ILE A 137 -5.89 -23.41 -14.44
CA ILE A 137 -5.20 -23.04 -15.68
C ILE A 137 -5.97 -21.92 -16.37
N GLY A 138 -6.70 -21.14 -15.59
CA GLY A 138 -7.46 -20.01 -16.10
C GLY A 138 -7.12 -18.74 -15.35
N MET A 139 -8.05 -17.79 -15.35
CA MET A 139 -7.72 -16.47 -14.80
C MET A 139 -7.35 -16.52 -13.32
N PRO A 140 -8.00 -17.32 -12.48
CA PRO A 140 -7.59 -17.34 -11.05
C PRO A 140 -6.18 -17.88 -10.85
N GLY A 141 -5.80 -18.93 -11.60
CA GLY A 141 -4.43 -19.43 -11.53
C GLY A 141 -3.41 -18.42 -12.04
N LYS A 142 -3.73 -17.74 -13.15
CA LYS A 142 -2.86 -16.67 -13.62
C LYS A 142 -2.69 -15.59 -12.56
N THR A 143 -3.78 -15.29 -11.84
CA THR A 143 -3.70 -14.29 -10.79
C THR A 143 -2.64 -14.66 -9.77
N ALA A 144 -2.72 -15.89 -9.23
CA ALA A 144 -1.72 -16.32 -8.25
C ALA A 144 -0.33 -16.33 -8.86
N TYR A 145 -0.19 -17.01 -10.01
CA TYR A 145 1.11 -17.22 -10.66
C TYR A 145 1.80 -15.90 -10.97
N MET A 146 1.06 -14.95 -11.57
CA MET A 146 1.71 -13.78 -12.11
C MET A 146 1.97 -12.74 -11.03
N ALA A 147 1.01 -12.50 -10.15
CA ALA A 147 1.24 -11.51 -9.09
C ALA A 147 2.30 -12.00 -8.11
N TRP A 148 2.31 -13.29 -7.77
CA TRP A 148 3.37 -13.78 -6.89
C TRP A 148 4.75 -13.54 -7.50
N LYS A 149 4.93 -13.93 -8.76
CA LYS A 149 6.23 -13.74 -9.38
C LYS A 149 6.54 -12.26 -9.53
N GLU A 150 5.53 -11.42 -9.74
CA GLU A 150 5.81 -10.02 -9.99
C GLU A 150 6.16 -9.26 -8.71
N TYR A 151 5.53 -9.61 -7.58
CA TYR A 151 5.56 -8.74 -6.39
C TYR A 151 6.10 -9.38 -5.11
N ALA A 152 6.17 -10.70 -4.99
CA ALA A 152 6.48 -11.28 -3.68
C ALA A 152 7.93 -11.09 -3.30
N HIS A 153 8.85 -11.08 -4.28
CA HIS A 153 10.29 -11.01 -4.01
C HIS A 153 10.67 -11.90 -2.83
N PRO A 154 10.29 -13.18 -2.85
CA PRO A 154 10.44 -14.00 -1.66
C PRO A 154 11.90 -14.30 -1.36
N LYS A 155 12.20 -14.41 -0.06
CA LYS A 155 13.50 -14.86 0.40
CA LYS A 155 13.50 -14.83 0.45
C LYS A 155 13.31 -16.12 1.23
N GLN A 156 14.17 -17.10 0.99
CA GLN A 156 14.06 -18.38 1.67
C GLN A 156 13.91 -18.19 3.17
N GLY A 157 12.95 -18.91 3.76
CA GLY A 157 12.74 -18.82 5.19
C GLY A 157 11.82 -17.71 5.65
N GLU A 158 11.36 -16.83 4.76
CA GLU A 158 10.36 -15.85 5.16
C GLU A 158 9.01 -16.52 5.41
N THR A 159 8.10 -15.74 6.03
CA THR A 159 6.76 -16.21 6.39
C THR A 159 5.71 -15.43 5.60
N VAL A 160 4.78 -16.16 5.00
CA VAL A 160 3.71 -15.56 4.22
C VAL A 160 2.38 -15.92 4.88
N PHE A 161 1.47 -14.95 4.94
CA PHE A 161 0.09 -15.17 5.35
C PHE A 161 -0.78 -15.03 4.11
N VAL A 162 -1.54 -16.08 3.79
CA VAL A 162 -2.45 -16.12 2.65
C VAL A 162 -3.89 -16.15 3.16
N SER A 163 -4.65 -15.10 2.87
CA SER A 163 -6.07 -15.07 3.18
C SER A 163 -6.85 -15.69 2.03
N THR A 164 -8.02 -16.25 2.35
CA THR A 164 -8.80 -17.09 1.45
C THR A 164 -7.90 -18.16 0.82
N GLY A 165 -7.25 -18.93 1.69
CA GLY A 165 -6.22 -19.83 1.22
C GLY A 165 -6.71 -21.05 0.49
N ALA A 166 -8.01 -21.35 0.56
CA ALA A 166 -8.58 -22.54 -0.05
C ALA A 166 -9.24 -22.28 -1.39
N GLY A 167 -9.32 -21.02 -1.82
CA GLY A 167 -9.87 -20.71 -3.12
C GLY A 167 -8.87 -21.00 -4.22
N PRO A 168 -9.30 -20.80 -5.47
CA PRO A 168 -8.38 -21.06 -6.61
C PRO A 168 -7.18 -20.12 -6.62
N VAL A 169 -7.33 -18.85 -6.22
CA VAL A 169 -6.18 -17.97 -6.12
C VAL A 169 -5.30 -18.38 -4.93
N GLY A 170 -5.88 -18.40 -3.73
CA GLY A 170 -5.08 -18.60 -2.53
C GLY A 170 -4.33 -19.93 -2.49
N SER A 171 -4.99 -21.02 -2.91
CA SER A 171 -4.33 -22.32 -2.81
C SER A 171 -3.19 -22.44 -3.82
N PHE A 172 -3.28 -21.71 -4.93
CA PHE A 172 -2.17 -21.64 -5.88
C PHE A 172 -1.00 -20.90 -5.26
N VAL A 173 -1.29 -19.75 -4.62
CA VAL A 173 -0.27 -18.98 -3.92
C VAL A 173 0.44 -19.85 -2.89
N ILE A 174 -0.32 -20.62 -2.10
CA ILE A 174 0.31 -21.46 -1.08
C ILE A 174 1.37 -22.35 -1.71
N GLN A 175 1.04 -22.95 -2.85
CA GLN A 175 1.97 -23.88 -3.48
C GLN A 175 3.20 -23.14 -4.04
N LEU A 176 3.01 -21.95 -4.60
CA LEU A 176 4.16 -21.18 -5.06
C LEU A 176 5.07 -20.81 -3.89
N ALA A 177 4.48 -20.43 -2.75
CA ALA A 177 5.27 -20.01 -1.61
C ALA A 177 6.06 -21.17 -1.04
N LYS A 178 5.44 -22.35 -0.96
CA LYS A 178 6.17 -23.50 -0.45
C LYS A 178 7.32 -23.87 -1.39
N ALA A 179 7.10 -23.76 -2.70
CA ALA A 179 8.14 -24.05 -3.67
C ALA A 179 9.32 -23.08 -3.53
N ASP A 180 9.07 -21.87 -3.00
CA ASP A 180 10.11 -20.90 -2.72
C ASP A 180 10.71 -21.05 -1.33
N GLY A 181 10.33 -22.09 -0.59
CA GLY A 181 10.91 -22.32 0.72
C GLY A 181 10.39 -21.42 1.82
N LEU A 182 9.15 -20.93 1.72
CA LEU A 182 8.56 -20.07 2.75
C LEU A 182 7.73 -20.88 3.73
N LYS A 183 7.65 -20.38 4.96
CA LYS A 183 6.64 -20.81 5.91
C LYS A 183 5.31 -20.16 5.53
N VAL A 184 4.25 -20.95 5.48
CA VAL A 184 2.94 -20.47 5.01
C VAL A 184 1.91 -20.56 6.13
N ILE A 185 1.31 -19.44 6.46
CA ILE A 185 0.09 -19.36 7.24
C ILE A 185 -1.05 -19.06 6.28
N ALA A 186 -2.18 -19.74 6.45
CA ALA A 186 -3.32 -19.52 5.59
C ALA A 186 -4.62 -19.75 6.36
N SER A 187 -5.66 -18.99 5.98
CA SER A 187 -6.95 -19.06 6.63
C SER A 187 -8.05 -19.18 5.59
N ALA A 188 -9.12 -19.88 5.97
CA ALA A 188 -10.33 -20.09 5.19
C ALA A 188 -11.49 -20.19 6.17
N GLY A 189 -12.70 -20.38 5.63
CA GLY A 189 -13.90 -20.31 6.43
C GLY A 189 -14.57 -21.61 6.83
N SER A 190 -13.95 -22.76 6.58
CA SER A 190 -14.59 -24.03 6.94
C SER A 190 -13.53 -25.08 7.23
N GLU A 191 -13.96 -26.16 7.91
CA GLU A 191 -13.01 -27.23 8.20
C GLU A 191 -12.54 -27.93 6.92
N GLU A 192 -13.47 -28.14 5.97
CA GLU A 192 -13.11 -28.79 4.71
CA GLU A 192 -13.07 -28.80 4.72
C GLU A 192 -12.04 -27.97 3.97
N LYS A 193 -12.20 -26.64 3.96
CA LYS A 193 -11.20 -25.79 3.33
C LYS A 193 -9.89 -25.79 4.10
N VAL A 194 -9.94 -25.87 5.44
CA VAL A 194 -8.69 -26.00 6.18
C VAL A 194 -7.95 -27.27 5.78
N GLN A 195 -8.66 -28.38 5.64
CA GLN A 195 -7.97 -29.62 5.24
C GLN A 195 -7.29 -29.46 3.87
N PHE A 196 -7.96 -28.79 2.93
CA PHE A 196 -7.33 -28.57 1.63
C PHE A 196 -6.09 -27.68 1.75
N MET A 197 -6.16 -26.62 2.55
CA MET A 197 -4.98 -25.78 2.73
C MET A 197 -3.80 -26.58 3.27
N LYS A 198 -4.05 -27.51 4.20
CA LYS A 198 -2.98 -28.38 4.67
C LYS A 198 -2.49 -29.30 3.56
N GLU A 199 -3.42 -29.78 2.71
CA GLU A 199 -3.03 -30.72 1.67
CA GLU A 199 -3.04 -30.72 1.66
C GLU A 199 -2.09 -30.07 0.65
N VAL A 200 -2.24 -28.78 0.39
CA VAL A 200 -1.37 -28.08 -0.55
C VAL A 200 -0.15 -27.54 0.18
N GLY A 201 -0.03 -27.86 1.47
CA GLY A 201 1.22 -27.61 2.19
C GLY A 201 1.28 -26.41 3.10
N ALA A 202 0.15 -25.79 3.45
CA ALA A 202 0.20 -24.72 4.45
C ALA A 202 0.77 -25.27 5.75
N ASP A 203 1.72 -24.55 6.34
CA ASP A 203 2.25 -24.94 7.63
C ASP A 203 1.27 -24.63 8.76
N VAL A 204 0.59 -23.49 8.67
CA VAL A 204 -0.43 -23.11 9.64
C VAL A 204 -1.69 -22.82 8.87
N ALA A 205 -2.73 -23.62 9.10
CA ALA A 205 -4.00 -23.52 8.41
C ALA A 205 -5.11 -23.44 9.46
N PHE A 206 -5.94 -22.41 9.38
CA PHE A 206 -6.96 -22.26 10.41
C PHE A 206 -8.21 -21.66 9.80
N ASN A 207 -9.32 -21.87 10.51
CA ASN A 207 -10.63 -21.35 10.16
C ASN A 207 -10.77 -20.00 10.84
N TYR A 208 -10.72 -18.91 10.08
CA TYR A 208 -10.75 -17.59 10.72
C TYR A 208 -12.08 -17.30 11.40
N LYS A 209 -13.15 -18.07 11.10
CA LYS A 209 -14.43 -17.82 11.76
C LYS A 209 -14.50 -18.41 13.16
N THR A 210 -13.66 -19.39 13.48
CA THR A 210 -13.67 -20.00 14.81
C THR A 210 -12.38 -19.76 15.53
N THR A 211 -11.41 -19.11 14.88
CA THR A 211 -10.10 -18.87 15.43
C THR A 211 -9.71 -17.43 15.16
N ASN A 212 -9.20 -16.77 16.18
CA ASN A 212 -8.84 -15.36 16.08
C ASN A 212 -7.57 -15.20 15.25
N THR A 213 -7.70 -14.51 14.11
CA THR A 213 -6.57 -14.33 13.20
C THR A 213 -5.40 -13.65 13.90
N ALA A 214 -5.66 -12.58 14.65
CA ALA A 214 -4.55 -11.87 15.31
C ALA A 214 -3.77 -12.79 16.24
N GLU A 215 -4.46 -13.69 16.94
CA GLU A 215 -3.76 -14.61 17.83
C GLU A 215 -2.86 -15.56 17.06
N VAL A 216 -3.34 -16.06 15.92
CA VAL A 216 -2.49 -16.95 15.13
C VAL A 216 -1.28 -16.20 14.61
N LEU A 217 -1.50 -14.99 14.08
CA LEU A 217 -0.38 -14.23 13.53
C LEU A 217 0.61 -13.83 14.61
N GLU A 218 0.13 -13.53 15.81
CA GLU A 218 1.06 -13.26 16.91
C GLU A 218 1.92 -14.48 17.21
N LYS A 219 1.31 -15.67 17.23
CA LYS A 219 2.07 -16.85 17.61
C LYS A 219 2.98 -17.31 16.46
N GLU A 220 2.53 -17.18 15.22
CA GLU A 220 3.21 -17.77 14.07
C GLU A 220 3.96 -16.77 13.20
N GLY A 221 3.76 -15.47 13.42
CA GLY A 221 4.44 -14.46 12.65
C GLY A 221 5.80 -14.12 13.24
N PRO A 222 6.33 -12.93 12.94
CA PRO A 222 5.75 -11.88 12.10
C PRO A 222 5.66 -12.36 10.65
N ILE A 223 4.99 -11.61 9.80
CA ILE A 223 4.78 -12.05 8.42
C ILE A 223 5.53 -11.09 7.49
N ASP A 224 6.26 -11.67 6.54
CA ASP A 224 7.04 -10.93 5.55
C ASP A 224 6.26 -10.62 4.29
N ILE A 225 5.27 -11.46 3.99
CA ILE A 225 4.43 -11.32 2.81
C ILE A 225 2.98 -11.59 3.24
N TYR A 226 2.07 -10.71 2.87
CA TYR A 226 0.65 -10.89 3.08
C TYR A 226 -0.01 -10.91 1.70
N TRP A 227 -0.73 -11.98 1.39
CA TRP A 227 -1.55 -12.04 0.18
C TRP A 227 -2.98 -11.72 0.57
N ASP A 228 -3.45 -10.54 0.18
CA ASP A 228 -4.74 -10.04 0.63
C ASP A 228 -5.81 -10.40 -0.42
N ASN A 229 -6.76 -11.25 -0.02
CA ASN A 229 -7.99 -11.53 -0.74
C ASN A 229 -9.23 -10.97 -0.07
N VAL A 230 -9.09 -10.42 1.14
CA VAL A 230 -10.22 -10.16 2.02
C VAL A 230 -10.33 -8.69 2.42
N GLY A 231 -9.21 -8.01 2.66
CA GLY A 231 -9.28 -6.63 3.10
C GLY A 231 -9.83 -6.53 4.53
N GLY A 232 -10.26 -5.32 4.88
CA GLY A 232 -11.02 -5.13 6.11
C GLY A 232 -10.23 -5.58 7.34
N GLU A 233 -10.92 -6.25 8.27
N GLU A 233 -10.93 -6.25 8.26
CA GLU A 233 -10.28 -6.58 9.53
CA GLU A 233 -10.30 -6.60 9.53
C GLU A 233 -9.13 -7.57 9.36
C GLU A 233 -9.14 -7.56 9.35
N THR A 234 -9.17 -8.39 8.31
CA THR A 234 -8.06 -9.31 8.08
C THR A 234 -6.82 -8.57 7.60
N LEU A 235 -6.99 -7.61 6.69
CA LEU A 235 -5.88 -6.75 6.33
C LEU A 235 -5.35 -6.01 7.56
N GLU A 236 -6.27 -5.51 8.40
CA GLU A 236 -5.82 -4.83 9.60
C GLU A 236 -4.96 -5.75 10.46
N ALA A 237 -5.40 -7.01 10.64
CA ALA A 237 -4.63 -7.93 11.46
C ALA A 237 -3.25 -8.19 10.85
N ALA A 238 -3.18 -8.35 9.52
CA ALA A 238 -1.89 -8.57 8.87
C ALA A 238 -0.98 -7.36 9.05
N LEU A 239 -1.51 -6.15 8.90
CA LEU A 239 -0.69 -4.95 9.10
C LEU A 239 -0.06 -4.97 10.48
N ASN A 240 -0.82 -5.35 11.51
N ASN A 240 -0.83 -5.34 11.51
CA ASN A 240 -0.29 -5.32 12.87
CA ASN A 240 -0.29 -5.31 12.87
C ASN A 240 0.77 -6.39 13.09
C ASN A 240 0.77 -6.39 13.09
N ALA A 241 0.69 -7.50 12.35
CA ALA A 241 1.63 -8.61 12.48
C ALA A 241 2.77 -8.53 11.46
N ALA A 242 2.87 -7.45 10.69
CA ALA A 242 3.86 -7.39 9.62
C ALA A 242 5.28 -7.22 10.14
N ASN A 243 6.22 -7.84 9.43
CA ASN A 243 7.65 -7.61 9.62
C ASN A 243 8.06 -6.33 8.91
N VAL A 244 9.21 -5.79 9.31
CA VAL A 244 9.79 -4.66 8.59
C VAL A 244 10.10 -5.08 7.16
N ASN A 245 9.75 -4.21 6.21
CA ASN A 245 9.97 -4.46 4.78
C ASN A 245 9.06 -5.56 4.22
N ALA A 246 7.90 -5.78 4.86
CA ALA A 246 6.93 -6.73 4.34
C ALA A 246 6.42 -6.26 2.99
N ARG A 247 5.96 -7.23 2.20
CA ARG A 247 5.27 -6.99 0.94
C ARG A 247 3.81 -7.42 1.08
N PHE A 248 2.90 -6.47 0.86
CA PHE A 248 1.46 -6.73 0.92
C PHE A 248 0.94 -6.74 -0.51
N ILE A 249 0.58 -7.93 -1.00
CA ILE A 249 0.05 -8.09 -2.34
C ILE A 249 -1.48 -7.97 -2.24
N GLU A 250 -2.02 -6.89 -2.79
CA GLU A 250 -3.44 -6.59 -2.65
C GLU A 250 -4.16 -7.15 -3.88
N CYS A 251 -4.75 -8.33 -3.73
CA CYS A 251 -5.43 -9.06 -4.80
C CYS A 251 -6.95 -8.84 -4.81
N GLY A 252 -7.62 -9.09 -3.68
CA GLY A 252 -9.02 -8.77 -3.55
C GLY A 252 -9.33 -8.29 -2.14
N MET A 253 -10.53 -7.76 -1.95
CA MET A 253 -10.99 -7.35 -0.62
C MET A 253 -12.46 -7.72 -0.47
N ILE A 254 -12.71 -9.04 -0.49
CA ILE A 254 -14.07 -9.50 -0.60
C ILE A 254 -14.90 -9.10 0.62
N SER A 255 -14.29 -8.83 1.77
CA SER A 255 -15.09 -8.48 2.94
C SER A 255 -15.90 -7.20 2.74
N GLY A 256 -15.56 -6.39 1.74
CA GLY A 256 -16.34 -5.21 1.41
C GLY A 256 -17.12 -5.20 0.12
N TYR A 257 -17.15 -6.31 -0.64
CA TYR A 257 -17.81 -6.31 -1.95
C TYR A 257 -19.33 -6.08 -1.84
N ASN A 258 -19.95 -6.51 -0.74
CA ASN A 258 -21.40 -6.39 -0.59
C ASN A 258 -21.80 -5.38 0.48
N SER A 259 -20.88 -4.47 0.84
CA SER A 259 -21.16 -3.51 1.90
C SER A 259 -20.50 -2.16 1.63
N GLY A 260 -20.20 -1.84 0.38
CA GLY A 260 -19.62 -0.55 0.04
C GLY A 260 -18.17 -0.36 0.44
N GLY A 261 -17.37 -1.42 0.44
CA GLY A 261 -15.99 -1.34 0.86
C GLY A 261 -15.80 -1.61 2.34
N ALA A 262 -14.57 -1.97 2.70
CA ALA A 262 -14.22 -2.23 4.08
C ALA A 262 -13.13 -1.27 4.51
N PRO A 263 -13.33 -0.54 5.62
CA PRO A 263 -12.33 0.44 6.06
C PRO A 263 -11.10 -0.23 6.66
N VAL A 264 -10.01 0.54 6.66
CA VAL A 264 -8.77 0.13 7.30
C VAL A 264 -8.38 1.25 8.26
N ARG A 265 -8.22 0.90 9.53
CA ARG A 265 -7.99 1.89 10.58
C ARG A 265 -6.53 2.02 10.99
N ASN A 266 -5.68 1.07 10.59
CA ASN A 266 -4.28 1.07 11.01
C ASN A 266 -3.31 1.10 9.81
N ILE A 267 -3.65 1.84 8.75
CA ILE A 267 -2.77 1.90 7.57
C ILE A 267 -1.43 2.56 7.92
N PHE A 268 -1.35 3.26 9.05
CA PHE A 268 -0.08 3.84 9.46
C PHE A 268 1.02 2.79 9.61
N HIS A 269 0.68 1.52 9.84
CA HIS A 269 1.72 0.49 9.90
C HIS A 269 2.54 0.42 8.61
N VAL A 270 2.00 0.87 7.50
CA VAL A 270 2.74 0.87 6.24
C VAL A 270 4.03 1.68 6.36
N ILE A 271 3.97 2.79 7.10
CA ILE A 271 5.15 3.62 7.33
C ILE A 271 6.05 2.97 8.38
N GLY A 272 5.51 2.70 9.56
CA GLY A 272 6.33 2.21 10.65
C GLY A 272 7.06 0.91 10.31
N LYS A 273 6.44 0.03 9.54
CA LYS A 273 7.07 -1.24 9.22
C LYS A 273 7.64 -1.26 7.80
N SER A 274 7.69 -0.10 7.14
CA SER A 274 8.28 -0.01 5.79
C SER A 274 7.69 -1.06 4.85
N ILE A 275 6.36 -1.07 4.74
CA ILE A 275 5.65 -2.07 3.94
C ILE A 275 5.51 -1.55 2.52
N THR A 276 5.69 -2.44 1.54
CA THR A 276 5.37 -2.16 0.14
C THR A 276 4.04 -2.85 -0.15
N MET A 277 2.99 -2.07 -0.36
CA MET A 277 1.67 -2.61 -0.64
C MET A 277 1.33 -2.34 -2.10
N THR A 278 1.18 -3.41 -2.88
CA THR A 278 0.95 -3.30 -4.32
C THR A 278 -0.40 -3.93 -4.69
N GLY A 279 -1.29 -3.12 -5.26
CA GLY A 279 -2.48 -3.66 -5.87
C GLY A 279 -2.24 -3.96 -7.35
N PHE A 280 -3.04 -4.87 -7.89
CA PHE A 280 -2.85 -5.25 -9.29
C PHE A 280 -4.17 -5.76 -9.85
N ILE A 281 -4.27 -5.72 -11.18
CA ILE A 281 -5.37 -6.29 -11.94
C ILE A 281 -4.76 -7.29 -12.93
N VAL A 282 -5.17 -8.55 -12.85
CA VAL A 282 -4.39 -9.60 -13.51
C VAL A 282 -4.27 -9.31 -15.01
N SER A 283 -5.32 -8.79 -15.62
CA SER A 283 -5.28 -8.55 -17.06
CA SER A 283 -5.29 -8.53 -17.05
C SER A 283 -4.22 -7.51 -17.43
N ARG A 284 -3.80 -6.66 -16.49
CA ARG A 284 -2.78 -5.66 -16.79
C ARG A 284 -1.40 -6.26 -16.83
N ILE A 285 -1.14 -7.31 -16.05
CA ILE A 285 0.19 -7.90 -16.03
C ILE A 285 0.25 -9.19 -16.82
N GLU A 286 -0.87 -9.66 -17.32
CA GLU A 286 -0.89 -10.98 -17.92
C GLU A 286 -0.03 -11.11 -19.18
N PRO A 287 0.05 -10.10 -20.04
CA PRO A 287 0.86 -10.27 -21.26
C PRO A 287 2.30 -10.66 -20.97
N LYS A 288 2.87 -10.16 -19.87
CA LYS A 288 4.25 -10.46 -19.53
C LYS A 288 4.48 -11.93 -19.18
N TYR A 289 3.47 -12.64 -18.68
CA TYR A 289 3.62 -13.99 -18.17
C TYR A 289 2.82 -15.05 -18.92
N SER A 290 1.92 -14.66 -19.82
CA SER A 290 0.95 -15.60 -20.38
C SER A 290 1.64 -16.81 -21.03
N ALA A 291 2.68 -16.58 -21.84
CA ALA A 291 3.31 -17.69 -22.54
C ALA A 291 3.98 -18.66 -21.55
N GLU A 292 4.72 -18.13 -20.59
CA GLU A 292 5.37 -18.99 -19.59
C GLU A 292 4.34 -19.75 -18.78
N PHE A 293 3.22 -19.11 -18.41
CA PHE A 293 2.16 -19.77 -17.65
C PHE A 293 1.61 -20.98 -18.41
N TYR A 294 1.24 -20.79 -19.67
CA TYR A 294 0.64 -21.91 -20.40
C TYR A 294 1.68 -22.97 -20.71
N LYS A 295 2.96 -22.63 -20.72
CA LYS A 295 3.97 -23.63 -20.98
C LYS A 295 4.26 -24.45 -19.73
N GLU A 296 4.11 -23.87 -18.53
CA GLU A 296 4.50 -24.52 -17.29
C GLU A 296 3.36 -25.21 -16.54
N VAL A 297 2.18 -24.62 -16.49
CA VAL A 297 1.17 -25.04 -15.53
C VAL A 297 0.48 -26.35 -15.92
N PRO A 298 0.09 -26.57 -17.18
CA PRO A 298 -0.67 -27.80 -17.49
C PRO A 298 0.02 -29.08 -17.05
N ALA A 299 1.32 -29.23 -17.34
CA ALA A 299 2.03 -30.44 -16.95
C ALA A 299 2.01 -30.63 -15.44
N LYS A 300 2.07 -29.53 -14.68
CA LYS A 300 2.04 -29.64 -13.22
C LYS A 300 0.65 -29.99 -12.71
N VAL A 301 -0.40 -29.49 -13.38
CA VAL A 301 -1.75 -29.91 -13.02
C VAL A 301 -1.94 -31.38 -13.34
N ALA A 302 -1.44 -31.82 -14.50
CA ALA A 302 -1.63 -33.20 -14.90
C ALA A 302 -0.93 -34.17 -13.95
N SER A 303 0.25 -33.78 -13.45
CA SER A 303 1.05 -34.65 -12.61
C SER A 303 0.64 -34.60 -11.15
N GLY A 304 -0.17 -33.63 -10.75
CA GLY A 304 -0.50 -33.43 -9.35
C GLY A 304 0.45 -32.52 -8.60
N GLU A 305 1.50 -32.02 -9.27
CA GLU A 305 2.40 -31.07 -8.62
C GLU A 305 1.68 -29.81 -8.18
N LEU A 306 0.78 -29.29 -9.03
CA LEU A 306 -0.10 -28.19 -8.66
C LEU A 306 -1.49 -28.77 -8.43
N LYS A 307 -1.93 -28.75 -7.18
CA LYS A 307 -3.23 -29.31 -6.80
C LYS A 307 -4.32 -28.24 -6.89
N TYR A 308 -5.54 -28.68 -7.22
CA TYR A 308 -6.66 -27.76 -7.25
C TYR A 308 -7.93 -28.48 -6.83
N ARG A 309 -8.92 -27.71 -6.37
CA ARG A 309 -10.27 -28.18 -6.13
C ARG A 309 -11.24 -27.29 -6.88
N GLU A 310 -12.41 -27.82 -7.17
CA GLU A 310 -13.49 -27.05 -7.77
C GLU A 310 -14.82 -27.48 -7.17
N HIS A 311 -15.78 -26.56 -7.19
CA HIS A 311 -17.15 -26.82 -6.75
C HIS A 311 -18.05 -26.64 -7.97
N VAL A 312 -18.52 -27.75 -8.52
CA VAL A 312 -19.29 -27.75 -9.75
C VAL A 312 -20.78 -27.66 -9.41
N TYR A 313 -21.46 -26.69 -10.03
CA TYR A 313 -22.90 -26.57 -9.96
C TYR A 313 -23.47 -26.91 -11.34
N ASN A 314 -24.42 -27.83 -11.40
CA ASN A 314 -24.94 -28.29 -12.69
C ASN A 314 -26.11 -27.44 -13.13
N GLY A 315 -25.98 -26.78 -14.28
CA GLY A 315 -27.11 -26.11 -14.88
C GLY A 315 -26.98 -24.59 -14.93
N LEU A 316 -27.11 -24.03 -16.13
CA LEU A 316 -27.05 -22.58 -16.30
C LEU A 316 -28.03 -21.85 -15.38
N GLU A 317 -29.21 -22.44 -15.14
CA GLU A 317 -30.22 -21.73 -14.35
C GLU A 317 -29.77 -21.46 -12.90
N LYS A 318 -28.72 -22.09 -12.42
CA LYS A 318 -28.22 -21.87 -11.07
C LYS A 318 -27.23 -20.72 -10.94
N LEU A 319 -26.80 -20.11 -12.04
CA LEU A 319 -25.61 -19.27 -11.99
C LEU A 319 -25.78 -18.10 -11.03
N GLY A 320 -26.97 -17.48 -11.01
CA GLY A 320 -27.21 -16.39 -10.08
C GLY A 320 -27.08 -16.80 -8.63
N ASP A 321 -27.54 -18.01 -8.31
CA ASP A 321 -27.36 -18.53 -6.97
C ASP A 321 -25.90 -18.81 -6.65
N VAL A 322 -25.13 -19.26 -7.64
CA VAL A 322 -23.70 -19.48 -7.44
C VAL A 322 -22.99 -18.16 -7.16
N ILE A 323 -23.42 -17.08 -7.83
CA ILE A 323 -22.83 -15.77 -7.58
C ILE A 323 -23.01 -15.37 -6.11
N LEU A 324 -24.22 -15.53 -5.58
CA LEU A 324 -24.45 -15.28 -4.16
C LEU A 324 -23.61 -16.20 -3.29
N ALA A 325 -23.58 -17.49 -3.64
CA ALA A 325 -22.84 -18.47 -2.85
C ALA A 325 -21.37 -18.08 -2.72
N VAL A 326 -20.74 -17.63 -3.80
CA VAL A 326 -19.35 -17.21 -3.75
C VAL A 326 -19.21 -16.00 -2.81
N GLN A 327 -20.11 -15.02 -2.91
CA GLN A 327 -20.05 -13.87 -2.02
C GLN A 327 -20.22 -14.26 -0.55
N LYS A 328 -21.00 -15.29 -0.27
CA LYS A 328 -21.25 -15.74 1.09
C LYS A 328 -20.24 -16.77 1.57
N GLY A 329 -19.27 -17.15 0.75
CA GLY A 329 -18.33 -18.16 1.17
C GLY A 329 -18.90 -19.56 1.23
N GLU A 330 -20.02 -19.81 0.56
CA GLU A 330 -20.63 -21.14 0.60
C GLU A 330 -20.14 -22.06 -0.51
N ASN A 331 -19.46 -21.55 -1.54
CA ASN A 331 -18.79 -22.44 -2.48
C ASN A 331 -17.68 -23.17 -1.75
N LYS A 332 -17.57 -24.48 -1.95
CA LYS A 332 -16.52 -25.27 -1.31
C LYS A 332 -15.16 -25.10 -1.97
N ALA A 333 -15.13 -24.60 -3.20
CA ALA A 333 -13.90 -24.48 -3.97
C ALA A 333 -14.24 -23.61 -5.17
N LYS A 334 -13.31 -23.50 -6.12
CA LYS A 334 -13.51 -22.63 -7.28
C LYS A 334 -14.87 -22.92 -7.90
N ALA A 335 -15.68 -21.87 -8.04
CA ALA A 335 -17.08 -22.06 -8.43
C ALA A 335 -17.19 -22.23 -9.94
N VAL A 336 -17.75 -23.36 -10.36
CA VAL A 336 -17.92 -23.70 -11.76
C VAL A 336 -19.39 -24.03 -12.01
N VAL A 337 -19.97 -23.40 -13.01
CA VAL A 337 -21.30 -23.76 -13.48
C VAL A 337 -21.12 -24.64 -14.70
N HIS A 338 -21.48 -25.92 -14.57
CA HIS A 338 -21.45 -26.88 -15.67
C HIS A 338 -22.70 -26.65 -16.52
N VAL A 339 -22.51 -26.08 -17.72
CA VAL A 339 -23.65 -25.72 -18.56
C VAL A 339 -24.11 -26.90 -19.42
N ALA A 340 -23.18 -27.66 -19.99
CA ALA A 340 -23.54 -28.75 -20.89
C ALA A 340 -22.36 -29.69 -21.01
N ASP A 341 -22.65 -30.93 -21.40
CA ASP A 341 -21.59 -31.89 -21.60
C ASP A 341 -21.03 -31.77 -23.01
N ASP A 342 -19.81 -32.28 -23.17
CA ASP A 342 -19.11 -32.28 -24.44
C ASP A 342 -19.23 -33.65 -25.08
N LEU A 343 -19.58 -33.68 -26.37
CA LEU A 343 -19.86 -34.92 -27.09
C LEU A 343 -18.65 -35.47 -27.84
N GLU A 344 -17.43 -35.17 -27.38
CA GLU A 344 -16.23 -35.56 -28.12
C GLU A 344 -16.15 -37.06 -28.31
N HIS A 345 -16.33 -37.83 -27.23
CA HIS A 345 -16.25 -39.28 -27.27
C HIS A 345 -17.61 -39.95 -27.25
N HIS A 346 -18.68 -39.19 -27.47
CA HIS A 346 -20.04 -39.70 -27.40
C HIS A 346 -20.39 -40.50 -28.65
N HIS A 347 -20.84 -41.73 -28.44
CA HIS A 347 -21.50 -42.53 -29.47
C HIS A 347 -22.80 -43.06 -28.89
N HIS A 348 -23.93 -42.71 -29.53
CA HIS A 348 -25.23 -43.12 -29.00
C HIS A 348 -25.51 -44.58 -29.37
N HIS A 349 -25.73 -45.40 -28.35
CA HIS A 349 -26.03 -46.82 -28.52
C HIS A 349 -26.53 -47.35 -27.19
N HIS A 350 -27.29 -48.45 -27.25
CA HIS A 350 -27.67 -49.18 -26.06
C HIS A 350 -26.89 -50.49 -25.96
N PRO B 3 28.90 28.45 38.19
CA PRO B 3 27.98 27.42 37.69
C PRO B 3 26.74 28.03 37.04
N VAL B 4 26.33 27.47 35.91
CA VAL B 4 25.19 27.98 35.16
C VAL B 4 24.06 26.94 35.12
N THR B 5 22.86 27.43 34.81
CA THR B 5 21.71 26.53 34.69
C THR B 5 21.91 25.55 33.54
N ASN B 6 21.65 24.27 33.81
CA ASN B 6 21.59 23.25 32.75
C ASN B 6 20.14 22.78 32.69
N GLY B 7 19.32 23.54 31.95
CA GLY B 7 17.91 23.26 31.88
C GLY B 7 17.61 22.01 31.07
N ARG B 8 16.43 21.43 31.35
CA ARG B 8 16.02 20.19 30.70
C ARG B 8 14.52 20.19 30.44
N ILE B 9 14.15 19.72 29.26
CA ILE B 9 12.76 19.46 28.89
C ILE B 9 12.49 17.97 29.15
N ILE B 10 11.58 17.69 30.10
CA ILE B 10 11.33 16.35 30.59
C ILE B 10 10.00 15.81 30.03
N PHE B 11 10.02 14.55 29.60
CA PHE B 11 8.78 13.86 29.24
C PHE B 11 8.07 13.46 30.54
N ASN B 12 6.93 14.08 30.82
CA ASN B 12 6.31 14.01 32.15
C ASN B 12 5.05 13.17 32.22
N SER B 13 4.24 13.13 31.16
CA SER B 13 3.02 12.31 31.19
C SER B 13 2.59 12.02 29.77
N ILE B 14 1.87 10.91 29.62
CA ILE B 14 1.39 10.47 28.30
C ILE B 14 0.14 11.25 27.92
N PRO B 15 0.14 11.95 26.79
CA PRO B 15 -1.06 12.67 26.36
C PRO B 15 -2.10 11.72 25.78
N THR B 16 -3.36 12.14 25.89
CA THR B 16 -4.45 11.39 25.27
C THR B 16 -4.74 11.91 23.87
N GLY B 17 -4.82 13.23 23.71
CA GLY B 17 -4.90 13.81 22.38
C GLY B 17 -3.64 14.60 22.03
N PHE B 18 -3.77 15.92 21.89
CA PHE B 18 -2.59 16.72 21.62
C PHE B 18 -1.72 16.83 22.88
N PRO B 19 -0.42 17.06 22.71
CA PRO B 19 0.45 17.30 23.87
C PRO B 19 -0.02 18.54 24.62
N VAL B 20 0.17 18.50 25.94
CA VAL B 20 -0.19 19.63 26.81
C VAL B 20 1.10 20.22 27.38
N PRO B 21 1.59 21.32 26.81
CA PRO B 21 2.84 21.90 27.33
C PRO B 21 2.67 22.25 28.80
N GLY B 22 3.67 21.91 29.60
CA GLY B 22 3.57 22.05 31.04
C GLY B 22 2.99 20.86 31.76
N GLU B 23 2.30 19.96 31.06
CA GLU B 23 1.88 18.68 31.62
C GLU B 23 2.55 17.51 30.92
N THR B 24 2.39 17.40 29.59
CA THR B 24 3.06 16.35 28.82
C THR B 24 4.57 16.48 28.95
N THR B 25 5.08 17.69 28.80
CA THR B 25 6.48 18.02 28.97
C THR B 25 6.60 19.11 30.04
N ILE B 26 7.65 19.04 30.86
CA ILE B 26 7.94 20.09 31.83
C ILE B 26 9.36 20.58 31.63
N TYR B 27 9.58 21.84 32.02
CA TYR B 27 10.88 22.47 31.96
C TYR B 27 11.47 22.56 33.37
N ASP B 28 12.68 22.01 33.51
CA ASP B 28 13.35 21.84 34.81
C ASP B 28 14.64 22.66 34.82
N THR B 29 14.78 23.57 35.79
CA THR B 29 16.02 24.35 35.88
C THR B 29 16.80 24.05 37.16
N THR B 30 16.52 22.92 37.82
CA THR B 30 17.15 22.66 39.11
C THR B 30 18.59 22.14 39.00
N GLU B 31 19.00 21.67 37.82
CA GLU B 31 20.34 21.14 37.65
C GLU B 31 21.30 22.23 37.16
N THR B 32 22.52 22.18 37.67
CA THR B 32 23.57 23.14 37.35
C THR B 32 24.80 22.41 36.80
N ILE B 33 25.69 23.19 36.17
CA ILE B 33 26.97 22.68 35.69
C ILE B 33 27.98 23.83 35.75
N ASP B 34 29.21 23.50 36.13
CA ASP B 34 30.31 24.45 36.11
C ASP B 34 31.12 24.17 34.85
N LEU B 35 31.05 25.09 33.88
CA LEU B 35 31.66 24.81 32.59
C LEU B 35 33.15 24.57 32.69
N ASP B 36 33.82 25.22 33.64
CA ASP B 36 35.27 25.06 33.80
C ASP B 36 35.62 23.85 34.64
N THR B 37 34.76 23.49 35.60
CA THR B 37 35.10 22.48 36.61
C THR B 37 34.44 21.13 36.38
N ALA B 38 33.35 21.08 35.62
CA ALA B 38 32.69 19.81 35.39
C ALA B 38 33.72 18.73 35.09
N PRO B 39 33.76 17.63 35.85
CA PRO B 39 34.72 16.57 35.54
C PRO B 39 34.35 15.90 34.22
N LEU B 40 35.30 15.87 33.29
CA LEU B 40 35.03 15.35 31.96
C LEU B 40 35.38 13.87 31.82
N ASP B 41 36.40 13.38 32.53
CA ASP B 41 36.78 11.96 32.45
C ASP B 41 37.07 11.61 30.98
N GLY B 42 38.07 12.28 30.41
CA GLY B 42 38.48 12.01 29.04
C GLY B 42 37.44 12.30 27.98
N GLY B 43 36.21 12.62 28.36
CA GLY B 43 35.18 13.02 27.41
C GLY B 43 35.29 14.49 27.09
N PHE B 44 34.16 15.09 26.70
CA PHE B 44 34.14 16.50 26.36
C PHE B 44 32.82 17.13 26.80
N LEU B 45 32.85 18.46 26.94
CA LEU B 45 31.69 19.25 27.30
C LEU B 45 31.06 19.78 26.03
N LEU B 46 29.79 19.45 25.80
CA LEU B 46 29.08 19.77 24.57
C LEU B 46 27.92 20.70 24.88
N LYS B 47 27.91 21.87 24.25
CA LYS B 47 26.89 22.88 24.47
C LYS B 47 25.84 22.79 23.36
N THR B 48 24.58 22.59 23.76
CA THR B 48 23.49 22.49 22.79
C THR B 48 23.21 23.85 22.17
N LEU B 49 23.17 23.90 20.84
CA LEU B 49 22.91 25.15 20.13
C LEU B 49 21.53 25.20 19.51
N GLU B 50 21.17 24.18 18.72
CA GLU B 50 19.91 24.12 18.00
C GLU B 50 19.29 22.74 18.18
N LEU B 51 17.99 22.70 18.44
CA LEU B 51 17.25 21.45 18.54
C LEU B 51 16.12 21.43 17.54
N SER B 52 15.97 20.31 16.85
CA SER B 52 14.85 20.14 15.95
C SER B 52 13.61 19.75 16.75
N VAL B 53 12.46 20.28 16.35
CA VAL B 53 11.16 19.73 16.73
C VAL B 53 10.52 19.17 15.47
N ASP B 54 10.13 17.90 15.51
CA ASP B 54 9.63 17.17 14.36
C ASP B 54 8.28 16.54 14.69
N PRO B 55 7.41 16.37 13.67
CA PRO B 55 6.11 15.74 13.90
C PRO B 55 6.18 14.39 14.62
N TYR B 56 7.22 13.58 14.37
CA TYR B 56 7.26 12.21 14.92
C TYR B 56 7.33 12.20 16.44
N MET B 57 7.73 13.31 17.04
CA MET B 57 7.91 13.34 18.49
C MET B 57 6.62 12.98 19.22
N ARG B 58 5.46 13.33 18.66
CA ARG B 58 4.19 12.95 19.27
C ARG B 58 4.09 11.43 19.42
N GLY B 59 4.53 10.68 18.42
CA GLY B 59 4.37 9.24 18.50
C GLY B 59 5.22 8.57 19.57
N GLY B 60 6.34 9.20 19.97
CA GLY B 60 7.15 8.66 21.04
C GLY B 60 6.61 8.88 22.45
N MET B 61 5.52 9.64 22.57
CA MET B 61 4.93 9.97 23.87
C MET B 61 3.88 8.91 24.21
N ARG B 62 4.36 7.74 24.60
CA ARG B 62 3.48 6.63 24.89
C ARG B 62 4.10 5.75 25.96
N ALA B 63 3.29 4.82 26.47
CA ALA B 63 3.69 3.95 27.55
C ALA B 63 4.73 2.93 27.08
N PRO B 64 5.55 2.43 28.00
CA PRO B 64 6.57 1.44 27.63
C PRO B 64 5.93 0.08 27.35
N GLU B 65 6.11 -0.42 26.13
CA GLU B 65 5.48 -1.67 25.69
C GLU B 65 6.54 -2.56 25.05
N LYS B 66 6.80 -3.71 25.68
CA LYS B 66 7.81 -4.68 25.23
C LYS B 66 9.08 -3.97 24.77
N LYS B 67 9.64 -4.38 23.64
CA LYS B 67 10.80 -3.69 23.07
C LYS B 67 10.80 -3.87 21.56
N SER B 68 10.56 -2.78 20.84
CA SER B 68 10.57 -2.76 19.39
C SER B 68 11.65 -1.79 18.92
N TYR B 69 11.85 -1.73 17.59
CA TYR B 69 12.75 -0.73 17.02
C TYR B 69 12.34 0.68 17.41
N SER B 70 11.03 0.94 17.45
CA SER B 70 10.49 2.24 17.83
C SER B 70 10.47 2.34 19.35
N ALA B 71 11.39 3.13 19.90
CA ALA B 71 11.49 3.24 21.36
C ALA B 71 10.79 4.51 21.84
N PRO B 72 9.85 4.39 22.77
CA PRO B 72 9.18 5.59 23.28
C PRO B 72 10.11 6.38 24.19
N PHE B 73 9.81 7.67 24.33
CA PHE B 73 10.52 8.47 25.31
C PHE B 73 10.26 7.91 26.70
N THR B 74 11.27 8.05 27.57
CA THR B 74 11.18 7.56 28.94
C THR B 74 10.62 8.65 29.84
N LEU B 75 9.58 8.30 30.59
CA LEU B 75 8.98 9.24 31.52
C LEU B 75 10.01 9.64 32.59
N GLY B 76 10.08 10.95 32.87
CA GLY B 76 10.99 11.49 33.85
C GLY B 76 12.38 11.78 33.35
N GLN B 77 12.70 11.40 32.11
CA GLN B 77 13.95 11.67 31.44
C GLN B 77 13.78 12.80 30.44
N PRO B 78 14.86 13.50 30.08
CA PRO B 78 14.77 14.53 29.05
C PRO B 78 14.31 13.95 27.74
N LEU B 79 13.56 14.75 26.98
CA LEU B 79 13.34 14.40 25.58
C LEU B 79 14.66 14.41 24.84
N ARG B 80 14.61 13.96 23.59
CA ARG B 80 15.81 13.98 22.76
C ARG B 80 15.38 14.00 21.30
N GLY B 81 16.32 14.43 20.45
CA GLY B 81 16.08 14.46 19.02
C GLY B 81 17.28 15.10 18.35
N TYR B 82 17.12 15.35 17.05
CA TYR B 82 18.24 15.89 16.30
C TYR B 82 18.60 17.29 16.77
N GLY B 83 19.89 17.60 16.72
CA GLY B 83 20.35 18.89 17.16
C GLY B 83 21.76 19.13 16.68
N VAL B 84 22.20 20.37 16.91
CA VAL B 84 23.57 20.81 16.67
C VAL B 84 24.12 21.37 17.98
N GLY B 85 25.36 21.02 18.30
CA GLY B 85 26.01 21.55 19.46
C GLY B 85 27.47 21.89 19.16
N VAL B 86 28.12 22.55 20.12
CA VAL B 86 29.52 22.91 19.99
C VAL B 86 30.27 22.43 21.21
N VAL B 87 31.48 21.90 21.01
CA VAL B 87 32.33 21.47 22.10
C VAL B 87 32.97 22.70 22.74
N LEU B 88 32.86 22.81 24.06
CA LEU B 88 33.47 23.91 24.80
C LEU B 88 34.83 23.54 25.36
N ARG B 89 34.98 22.30 25.80
CA ARG B 89 36.16 21.87 26.52
C ARG B 89 36.26 20.37 26.32
N SER B 90 37.44 19.90 25.92
CA SER B 90 37.61 18.50 25.55
C SER B 90 38.88 17.94 26.18
N GLU B 91 38.73 16.80 26.84
CA GLU B 91 39.84 15.95 27.22
C GLU B 91 39.93 14.73 26.32
N ASN B 92 39.18 14.73 25.21
CA ASN B 92 39.18 13.62 24.27
C ASN B 92 39.94 14.01 23.01
N PRO B 93 41.00 13.29 22.65
CA PRO B 93 41.82 13.71 21.50
C PRO B 93 41.06 13.77 20.19
N GLN B 94 39.96 13.02 20.04
CA GLN B 94 39.22 13.09 18.78
C GLN B 94 38.41 14.37 18.65
N VAL B 95 38.30 15.16 19.72
CA VAL B 95 37.42 16.32 19.76
C VAL B 95 38.17 17.56 20.23
N LYS B 96 37.92 18.68 19.56
CA LYS B 96 38.60 19.94 19.78
C LYS B 96 37.57 20.97 20.21
N ALA B 97 37.93 21.87 21.12
CA ALA B 97 37.04 22.96 21.46
C ALA B 97 36.70 23.72 20.18
N GLY B 98 35.45 24.14 20.05
CA GLY B 98 35.00 24.78 18.83
C GLY B 98 34.42 23.85 17.78
N ASP B 99 34.57 22.53 17.94
CA ASP B 99 33.97 21.58 17.00
C ASP B 99 32.45 21.63 17.09
N HIS B 100 31.79 21.71 15.94
CA HIS B 100 30.33 21.65 15.87
C HIS B 100 29.93 20.24 15.47
N LEU B 101 28.98 19.67 16.22
CA LEU B 101 28.60 18.27 16.07
C LEU B 101 27.10 18.15 15.82
N TYR B 102 26.74 17.15 15.01
CA TYR B 102 25.37 16.86 14.63
C TYR B 102 24.99 15.47 15.08
N GLY B 103 23.78 15.34 15.63
CA GLY B 103 23.27 14.03 15.99
C GLY B 103 22.09 14.19 16.94
N PHE B 104 21.86 13.13 17.71
CA PHE B 104 20.84 13.17 18.75
C PHE B 104 21.36 13.91 19.99
N PHE B 105 20.58 14.88 20.43
CA PHE B 105 20.84 15.64 21.64
C PHE B 105 19.70 15.41 22.61
N GLU B 106 20.03 15.18 23.87
CA GLU B 106 19.02 15.37 24.90
C GLU B 106 18.59 16.83 24.87
N HIS B 107 17.35 17.09 25.28
CA HIS B 107 16.87 18.46 25.32
C HIS B 107 17.31 19.13 26.61
N THR B 108 18.62 19.42 26.67
CA THR B 108 19.27 20.09 27.79
C THR B 108 20.26 21.12 27.24
N HIS B 109 20.72 22.04 28.11
CA HIS B 109 21.66 23.07 27.65
C HIS B 109 23.04 22.50 27.40
N TYR B 110 23.50 21.57 28.23
CA TYR B 110 24.84 21.03 28.14
C TYR B 110 24.80 19.54 28.41
N SER B 111 25.76 18.83 27.82
CA SER B 111 25.96 17.43 28.14
C SER B 111 27.45 17.14 28.12
N ILE B 112 27.83 16.10 28.85
CA ILE B 112 29.20 15.61 28.88
C ILE B 112 29.19 14.25 28.17
N ARG B 113 29.89 14.17 27.06
CA ARG B 113 29.97 12.95 26.25
C ARG B 113 31.34 12.32 26.43
N LYS B 114 31.37 11.00 26.60
CA LYS B 114 32.63 10.29 26.75
C LYS B 114 33.35 10.10 25.42
N ASP B 115 32.62 10.05 24.31
CA ASP B 115 33.20 9.86 22.98
C ASP B 115 32.21 10.41 21.95
N LEU B 116 32.50 10.18 20.67
CA LEU B 116 31.66 10.67 19.57
C LEU B 116 30.53 9.72 19.18
N THR B 117 30.22 8.71 19.98
CA THR B 117 29.11 7.84 19.64
C THR B 117 27.83 8.66 19.46
N GLY B 118 27.17 8.47 18.31
CA GLY B 118 25.97 9.21 17.98
C GLY B 118 26.19 10.62 17.46
N LEU B 119 27.43 11.02 17.20
CA LEU B 119 27.72 12.39 16.78
C LEU B 119 28.63 12.37 15.56
N GLN B 120 28.48 13.40 14.74
CA GLN B 120 29.29 13.56 13.53
C GLN B 120 29.72 15.01 13.41
N ALA B 121 31.00 15.22 13.06
CA ALA B 121 31.48 16.55 12.75
C ALA B 121 30.72 17.11 11.55
N ILE B 122 30.40 18.39 11.60
CA ILE B 122 29.60 19.02 10.56
C ILE B 122 30.51 19.63 9.51
N GLU B 123 30.27 19.29 8.24
CA GLU B 123 30.98 19.92 7.13
CA GLU B 123 30.97 19.91 7.12
C GLU B 123 30.15 21.12 6.67
N ASN B 124 30.62 22.31 7.04
CA ASN B 124 29.93 23.58 6.75
C ASN B 124 30.85 24.48 5.94
N ALA B 125 31.15 24.06 4.71
CA ALA B 125 32.09 24.79 3.87
C ALA B 125 31.53 26.14 3.41
N TYR B 126 30.21 26.32 3.44
CA TYR B 126 29.57 27.54 2.95
C TYR B 126 29.15 28.48 4.07
N ASN B 127 29.55 28.19 5.30
CA ASN B 127 29.26 29.04 6.45
C ASN B 127 27.76 29.30 6.57
N LEU B 128 26.97 28.26 6.33
CA LEU B 128 25.54 28.34 6.46
C LEU B 128 25.13 28.37 7.93
N PRO B 129 23.94 28.91 8.24
CA PRO B 129 23.46 28.85 9.62
C PRO B 129 23.43 27.41 10.10
N TRP B 130 23.86 27.21 11.34
CA TRP B 130 23.93 25.85 11.88
C TRP B 130 22.56 25.14 11.83
N SER B 131 21.47 25.90 11.88
CA SER B 131 20.15 25.27 11.87
C SER B 131 19.86 24.49 10.58
N VAL B 132 20.55 24.80 9.48
CA VAL B 132 20.23 24.08 8.24
C VAL B 132 20.59 22.60 8.34
N PHE B 133 21.47 22.24 9.27
CA PHE B 133 21.88 20.85 9.39
C PHE B 133 20.88 19.98 10.17
N ILE B 134 19.80 20.56 10.71
CA ILE B 134 18.68 19.78 11.22
C ILE B 134 17.45 19.92 10.35
N GLY B 135 17.55 20.62 9.22
CA GLY B 135 16.42 20.81 8.33
C GLY B 135 16.73 20.41 6.91
N VAL B 136 16.97 21.38 6.01
CA VAL B 136 17.20 21.06 4.62
C VAL B 136 18.47 20.21 4.42
N ILE B 137 19.48 20.38 5.28
CA ILE B 137 20.67 19.52 5.19
C ILE B 137 20.68 18.56 6.37
N GLY B 138 19.50 18.30 6.91
CA GLY B 138 19.35 17.36 8.01
C GLY B 138 18.34 16.27 7.68
N MET B 139 17.76 15.67 8.72
CA MET B 139 16.90 14.51 8.52
C MET B 139 15.68 14.83 7.65
N PRO B 140 15.01 15.99 7.78
CA PRO B 140 13.86 16.24 6.88
C PRO B 140 14.24 16.35 5.42
N GLY B 141 15.37 17.02 5.12
CA GLY B 141 15.85 17.06 3.75
C GLY B 141 16.24 15.68 3.24
N LYS B 142 16.91 14.89 4.07
CA LYS B 142 17.22 13.51 3.67
C LYS B 142 15.97 12.72 3.35
N THR B 143 14.92 12.92 4.15
CA THR B 143 13.66 12.20 3.95
C THR B 143 13.12 12.43 2.54
N ALA B 144 12.99 13.69 2.14
CA ALA B 144 12.51 14.00 0.79
C ALA B 144 13.47 13.44 -0.26
N TYR B 145 14.75 13.75 -0.09
CA TYR B 145 15.77 13.39 -1.08
C TYR B 145 15.78 11.90 -1.33
N MET B 146 15.81 11.11 -0.26
CA MET B 146 16.09 9.69 -0.41
C MET B 146 14.84 8.90 -0.81
N ALA B 147 13.69 9.19 -0.19
CA ALA B 147 12.47 8.49 -0.56
C ALA B 147 12.02 8.89 -1.96
N TRP B 148 12.22 10.14 -2.36
CA TRP B 148 11.87 10.51 -3.73
C TRP B 148 12.67 9.69 -4.74
N LYS B 149 14.00 9.66 -4.55
CA LYS B 149 14.84 8.93 -5.50
C LYS B 149 14.56 7.44 -5.45
N GLU B 150 14.17 6.93 -4.28
CA GLU B 150 13.98 5.49 -4.14
C GLU B 150 12.67 5.01 -4.74
N TYR B 151 11.58 5.80 -4.60
CA TYR B 151 10.24 5.30 -4.84
C TYR B 151 9.42 6.04 -5.89
N ALA B 152 9.77 7.27 -6.26
CA ALA B 152 8.85 8.01 -7.13
C ALA B 152 8.84 7.46 -8.56
N HIS B 153 9.94 6.94 -9.05
CA HIS B 153 10.05 6.52 -10.46
C HIS B 153 9.41 7.55 -11.38
N PRO B 154 9.79 8.82 -11.28
CA PRO B 154 9.08 9.87 -12.01
C PRO B 154 9.34 9.78 -13.50
N LYS B 155 8.31 10.11 -14.27
CA LYS B 155 8.43 10.32 -15.70
C LYS B 155 8.08 11.78 -15.98
N GLN B 156 8.91 12.44 -16.79
CA GLN B 156 8.61 13.80 -17.21
C GLN B 156 7.17 13.91 -17.70
N GLY B 157 6.47 14.97 -17.28
CA GLY B 157 5.10 15.20 -17.68
C GLY B 157 4.03 14.54 -16.80
N GLU B 158 4.41 13.65 -15.88
CA GLU B 158 3.45 13.13 -14.92
C GLU B 158 3.05 14.22 -13.91
N THR B 159 2.04 13.91 -13.11
CA THR B 159 1.51 14.85 -12.11
C THR B 159 1.71 14.27 -10.70
N VAL B 160 2.23 15.09 -9.79
CA VAL B 160 2.43 14.68 -8.40
C VAL B 160 1.59 15.57 -7.50
N PHE B 161 0.99 14.99 -6.45
CA PHE B 161 0.33 15.73 -5.39
C PHE B 161 1.17 15.61 -4.12
N VAL B 162 1.56 16.75 -3.55
CA VAL B 162 2.35 16.79 -2.32
C VAL B 162 1.51 17.41 -1.21
N SER B 163 1.20 16.62 -0.18
CA SER B 163 0.54 17.11 1.02
C SER B 163 1.58 17.65 2.00
N THR B 164 1.16 18.62 2.83
CA THR B 164 2.07 19.40 3.66
C THR B 164 3.25 19.94 2.83
N GLY B 165 2.92 20.67 1.76
CA GLY B 165 3.94 21.04 0.81
C GLY B 165 4.88 22.15 1.23
N ALA B 166 4.57 22.83 2.32
CA ALA B 166 5.35 23.96 2.78
C ALA B 166 6.32 23.59 3.90
N GLY B 167 6.27 22.35 4.40
CA GLY B 167 7.20 21.91 5.41
C GLY B 167 8.56 21.61 4.82
N PRO B 168 9.50 21.22 5.69
CA PRO B 168 10.85 20.91 5.19
C PRO B 168 10.90 19.68 4.28
N VAL B 169 10.08 18.66 4.54
CA VAL B 169 10.02 17.51 3.63
C VAL B 169 9.29 17.88 2.35
N GLY B 170 8.05 18.38 2.48
CA GLY B 170 7.24 18.63 1.31
C GLY B 170 7.84 19.65 0.36
N SER B 171 8.42 20.73 0.90
CA SER B 171 8.98 21.76 0.03
C SER B 171 10.22 21.26 -0.69
N PHE B 172 10.96 20.34 -0.07
CA PHE B 172 12.07 19.67 -0.76
C PHE B 172 11.53 18.78 -1.89
N VAL B 173 10.51 17.98 -1.59
CA VAL B 173 9.91 17.11 -2.60
C VAL B 173 9.44 17.93 -3.80
N ILE B 174 8.74 19.04 -3.55
CA ILE B 174 8.27 19.88 -4.66
C ILE B 174 9.42 20.23 -5.60
N GLN B 175 10.57 20.61 -5.02
CA GLN B 175 11.71 21.04 -5.84
C GLN B 175 12.33 19.85 -6.58
N LEU B 176 12.42 18.68 -5.95
CA LEU B 176 12.88 17.50 -6.67
C LEU B 176 11.93 17.13 -7.80
N ALA B 177 10.61 17.25 -7.56
CA ALA B 177 9.62 16.91 -8.59
C ALA B 177 9.69 17.86 -9.77
N LYS B 178 9.84 19.17 -9.50
CA LYS B 178 9.98 20.12 -10.60
C LYS B 178 11.26 19.89 -11.39
N ALA B 179 12.36 19.52 -10.71
CA ALA B 179 13.60 19.24 -11.45
C ALA B 179 13.46 18.03 -12.37
N ASP B 180 12.56 17.11 -12.05
CA ASP B 180 12.26 15.96 -12.90
C ASP B 180 11.20 16.25 -13.96
N GLY B 181 10.73 17.49 -14.05
CA GLY B 181 9.77 17.88 -15.06
C GLY B 181 8.33 17.49 -14.79
N LEU B 182 7.95 17.35 -13.52
CA LEU B 182 6.58 16.98 -13.17
C LEU B 182 5.73 18.22 -12.94
N LYS B 183 4.43 18.08 -13.21
CA LYS B 183 3.45 19.02 -12.72
C LYS B 183 3.22 18.74 -11.23
N VAL B 184 3.26 19.79 -10.42
CA VAL B 184 3.17 19.65 -8.96
C VAL B 184 1.89 20.33 -8.47
N ILE B 185 1.07 19.56 -7.78
CA ILE B 185 -0.02 20.07 -6.94
C ILE B 185 0.43 19.94 -5.49
N ALA B 186 0.23 20.99 -4.69
CA ALA B 186 0.67 20.90 -3.30
C ALA B 186 -0.28 21.72 -2.44
N SER B 187 -0.49 21.26 -1.21
CA SER B 187 -1.42 21.90 -0.30
C SER B 187 -0.76 22.11 1.06
N ALA B 188 -1.17 23.20 1.71
CA ALA B 188 -0.65 23.56 3.02
C ALA B 188 -1.78 24.28 3.76
N GLY B 189 -1.50 24.69 4.99
CA GLY B 189 -2.56 25.17 5.86
C GLY B 189 -2.64 26.68 6.07
N SER B 190 -1.90 27.48 5.30
CA SER B 190 -1.94 28.92 5.46
C SER B 190 -1.59 29.57 4.14
N GLU B 191 -1.95 30.86 4.04
CA GLU B 191 -1.61 31.63 2.84
C GLU B 191 -0.09 31.83 2.71
N GLU B 192 0.61 32.14 3.82
CA GLU B 192 2.07 32.30 3.74
C GLU B 192 2.75 31.02 3.25
N LYS B 193 2.22 29.85 3.65
CA LYS B 193 2.76 28.58 3.17
C LYS B 193 2.44 28.34 1.69
N VAL B 194 1.26 28.76 1.25
CA VAL B 194 0.93 28.68 -0.18
C VAL B 194 1.91 29.51 -1.00
N GLN B 195 2.24 30.71 -0.53
CA GLN B 195 3.20 31.55 -1.25
C GLN B 195 4.56 30.86 -1.36
N PHE B 196 5.02 30.22 -0.28
CA PHE B 196 6.28 29.50 -0.33
C PHE B 196 6.21 28.35 -1.34
N MET B 197 5.10 27.61 -1.35
CA MET B 197 4.94 26.51 -2.30
C MET B 197 5.04 27.01 -3.74
N LYS B 198 4.42 28.16 -4.04
CA LYS B 198 4.61 28.75 -5.37
C LYS B 198 6.05 29.15 -5.60
N GLU B 199 6.72 29.72 -4.58
CA GLU B 199 8.10 30.15 -4.75
C GLU B 199 9.04 28.99 -5.07
N VAL B 200 8.76 27.80 -4.55
CA VAL B 200 9.62 26.66 -4.88
C VAL B 200 9.09 25.92 -6.11
N GLY B 201 8.06 26.47 -6.75
CA GLY B 201 7.64 26.02 -8.06
C GLY B 201 6.41 25.13 -8.18
N ALA B 202 5.60 25.02 -7.13
CA ALA B 202 4.35 24.29 -7.26
C ALA B 202 3.49 24.91 -8.35
N ASP B 203 2.97 24.06 -9.24
CA ASP B 203 2.09 24.55 -10.29
C ASP B 203 0.70 24.89 -9.78
N VAL B 204 0.18 24.07 -8.86
CA VAL B 204 -1.09 24.32 -8.20
C VAL B 204 -0.80 24.25 -6.70
N ALA B 205 -0.97 25.38 -6.02
CA ALA B 205 -0.66 25.49 -4.60
C ALA B 205 -1.88 26.03 -3.91
N PHE B 206 -2.38 25.32 -2.89
CA PHE B 206 -3.63 25.78 -2.27
C PHE B 206 -3.62 25.53 -0.78
N ASN B 207 -4.46 26.30 -0.10
CA ASN B 207 -4.67 26.18 1.34
C ASN B 207 -5.82 25.21 1.58
N TYR B 208 -5.52 24.03 2.12
CA TYR B 208 -6.58 23.02 2.23
C TYR B 208 -7.70 23.44 3.20
N LYS B 209 -7.47 24.46 4.02
CA LYS B 209 -8.50 24.95 4.94
C LYS B 209 -9.50 25.86 4.26
N THR B 210 -9.16 26.42 3.09
CA THR B 210 -10.05 27.32 2.36
C THR B 210 -10.35 26.80 0.95
N THR B 211 -9.99 25.56 0.65
CA THR B 211 -10.08 24.96 -0.68
C THR B 211 -10.63 23.55 -0.57
N ASN B 212 -11.49 23.17 -1.51
CA ASN B 212 -11.99 21.80 -1.57
C ASN B 212 -10.92 20.93 -2.24
N THR B 213 -10.23 20.10 -1.45
CA THR B 213 -9.12 19.31 -1.99
C THR B 213 -9.57 18.35 -3.10
N ALA B 214 -10.62 17.57 -2.86
CA ALA B 214 -11.07 16.61 -3.87
C ALA B 214 -11.42 17.30 -5.18
N GLU B 215 -12.03 18.49 -5.09
CA GLU B 215 -12.39 19.23 -6.28
C GLU B 215 -11.15 19.73 -7.03
N VAL B 216 -10.11 20.18 -6.32
CA VAL B 216 -8.87 20.57 -6.99
C VAL B 216 -8.22 19.36 -7.66
N LEU B 217 -8.17 18.23 -6.97
CA LEU B 217 -7.54 17.04 -7.53
C LEU B 217 -8.30 16.56 -8.77
N GLU B 218 -9.63 16.69 -8.74
CA GLU B 218 -10.41 16.31 -9.91
C GLU B 218 -10.04 17.19 -11.10
N LYS B 219 -9.92 18.51 -10.88
CA LYS B 219 -9.67 19.41 -11.99
C LYS B 219 -8.23 19.35 -12.48
N GLU B 220 -7.26 19.16 -11.57
CA GLU B 220 -5.84 19.27 -11.89
C GLU B 220 -5.15 17.92 -12.08
N GLY B 221 -5.81 16.83 -11.72
CA GLY B 221 -5.28 15.49 -11.85
C GLY B 221 -5.65 14.89 -13.19
N PRO B 222 -5.68 13.55 -13.27
CA PRO B 222 -5.40 12.59 -12.19
C PRO B 222 -3.95 12.66 -11.71
N ILE B 223 -3.59 11.98 -10.62
CA ILE B 223 -2.25 12.11 -10.05
C ILE B 223 -1.50 10.78 -10.19
N ASP B 224 -0.27 10.86 -10.65
CA ASP B 224 0.59 9.69 -10.83
C ASP B 224 1.40 9.36 -9.59
N ILE B 225 1.67 10.35 -8.76
CA ILE B 225 2.49 10.18 -7.57
C ILE B 225 1.79 10.95 -6.46
N TYR B 226 1.62 10.31 -5.31
CA TYR B 226 1.12 11.02 -4.12
C TYR B 226 2.19 10.92 -3.04
N TRP B 227 2.65 12.08 -2.54
CA TRP B 227 3.55 12.10 -1.39
C TRP B 227 2.68 12.37 -0.17
N ASP B 228 2.49 11.35 0.65
CA ASP B 228 1.55 11.44 1.76
C ASP B 228 2.31 11.90 3.00
N ASN B 229 1.98 13.10 3.49
CA ASN B 229 2.40 13.55 4.80
C ASN B 229 1.25 13.62 5.80
N VAL B 230 0.03 13.38 5.37
CA VAL B 230 -1.17 13.70 6.15
C VAL B 230 -2.00 12.46 6.45
N GLY B 231 -2.13 11.53 5.50
CA GLY B 231 -3.02 10.40 5.73
C GLY B 231 -4.50 10.77 5.75
N GLY B 232 -5.32 9.83 6.28
CA GLY B 232 -6.72 10.10 6.54
C GLY B 232 -7.47 10.55 5.30
N GLU B 233 -8.23 11.64 5.44
CA GLU B 233 -9.10 12.06 4.35
C GLU B 233 -8.32 12.58 3.15
N THR B 234 -7.11 13.10 3.39
CA THR B 234 -6.28 13.56 2.29
C THR B 234 -5.72 12.38 1.48
N LEU B 235 -5.29 11.33 2.17
CA LEU B 235 -4.96 10.09 1.45
C LEU B 235 -6.19 9.55 0.70
N GLU B 236 -7.37 9.54 1.34
CA GLU B 236 -8.59 9.12 0.66
C GLU B 236 -8.81 9.94 -0.60
N ALA B 237 -8.63 11.26 -0.50
CA ALA B 237 -8.78 12.13 -1.67
C ALA B 237 -7.77 11.78 -2.75
N ALA B 238 -6.52 11.50 -2.37
CA ALA B 238 -5.50 11.12 -3.35
C ALA B 238 -5.85 9.80 -4.03
N LEU B 239 -6.30 8.82 -3.24
CA LEU B 239 -6.74 7.54 -3.81
C LEU B 239 -7.86 7.73 -4.83
N ASN B 240 -8.80 8.64 -4.54
CA ASN B 240 -9.92 8.84 -5.46
C ASN B 240 -9.47 9.49 -6.75
N ALA B 241 -8.42 10.30 -6.69
CA ALA B 241 -7.93 11.03 -7.84
C ALA B 241 -6.76 10.34 -8.54
N ALA B 242 -6.38 9.13 -8.09
CA ALA B 242 -5.15 8.52 -8.59
C ALA B 242 -5.31 8.00 -10.02
N ASN B 243 -4.22 8.07 -10.76
CA ASN B 243 -4.13 7.44 -12.06
C ASN B 243 -3.81 5.95 -11.89
N VAL B 244 -4.07 5.17 -12.93
CA VAL B 244 -3.60 3.78 -12.93
C VAL B 244 -2.08 3.76 -12.81
N ASN B 245 -1.57 2.81 -12.01
CA ASN B 245 -0.14 2.64 -11.76
C ASN B 245 0.47 3.78 -10.97
N ALA B 246 -0.35 4.52 -10.22
CA ALA B 246 0.20 5.59 -9.39
C ALA B 246 1.15 5.02 -8.35
N ARG B 247 2.09 5.86 -7.90
CA ARG B 247 2.97 5.52 -6.79
C ARG B 247 2.61 6.40 -5.60
N PHE B 248 2.27 5.78 -4.48
CA PHE B 248 1.92 6.50 -3.25
C PHE B 248 3.08 6.33 -2.27
N ILE B 249 3.81 7.41 -2.01
CA ILE B 249 4.92 7.42 -1.08
C ILE B 249 4.38 7.82 0.28
N GLU B 250 4.40 6.89 1.23
CA GLU B 250 3.76 7.08 2.53
C GLU B 250 4.86 7.53 3.50
N CYS B 251 4.96 8.84 3.68
CA CYS B 251 5.99 9.45 4.52
C CYS B 251 5.49 9.73 5.93
N GLY B 252 4.38 10.45 6.04
CA GLY B 252 3.76 10.65 7.33
C GLY B 252 2.25 10.63 7.20
N MET B 253 1.56 10.54 8.37
CA MET B 253 0.09 10.63 8.42
C MET B 253 -0.30 11.45 9.64
N ILE B 254 0.06 12.74 9.62
CA ILE B 254 -0.07 13.57 10.83
C ILE B 254 -1.52 13.78 11.24
N SER B 255 -2.48 13.62 10.32
CA SER B 255 -3.87 13.81 10.71
C SER B 255 -4.31 12.78 11.75
N GLY B 256 -3.57 11.69 11.95
CA GLY B 256 -3.90 10.76 13.03
C GLY B 256 -2.95 10.72 14.22
N TYR B 257 -1.94 11.59 14.27
CA TYR B 257 -0.92 11.49 15.33
C TYR B 257 -1.52 11.79 16.70
N ASN B 258 -2.54 12.62 16.76
CA ASN B 258 -3.09 13.03 18.05
C ASN B 258 -4.51 12.50 18.26
N SER B 259 -4.90 11.46 17.52
CA SER B 259 -6.25 10.91 17.63
C SER B 259 -6.26 9.40 17.41
N GLY B 260 -5.13 8.73 17.57
CA GLY B 260 -5.03 7.29 17.46
C GLY B 260 -5.13 6.73 16.05
N GLY B 261 -4.59 7.46 15.07
CA GLY B 261 -4.65 7.05 13.69
C GLY B 261 -5.88 7.58 12.99
N ALA B 262 -5.80 7.63 11.66
CA ALA B 262 -6.91 8.10 10.85
C ALA B 262 -7.33 7.00 9.87
N PRO B 263 -8.62 6.66 9.80
CA PRO B 263 -9.06 5.56 8.93
C PRO B 263 -9.01 5.93 7.46
N VAL B 264 -8.95 4.91 6.63
CA VAL B 264 -9.01 5.04 5.18
C VAL B 264 -10.12 4.12 4.72
N ARG B 265 -11.09 4.68 4.00
CA ARG B 265 -12.28 3.91 3.69
C ARG B 265 -12.29 3.37 2.27
N ASN B 266 -11.42 3.86 1.41
CA ASN B 266 -11.41 3.50 -0.01
C ASN B 266 -10.07 2.90 -0.41
N ILE B 267 -9.46 2.10 0.47
CA ILE B 267 -8.18 1.47 0.14
C ILE B 267 -8.32 0.51 -1.05
N PHE B 268 -9.56 0.10 -1.37
CA PHE B 268 -9.75 -0.77 -2.53
C PHE B 268 -9.24 -0.14 -3.82
N HIS B 269 -9.12 1.18 -3.88
CA HIS B 269 -8.53 1.81 -5.06
C HIS B 269 -7.11 1.32 -5.33
N VAL B 270 -6.40 0.84 -4.30
CA VAL B 270 -5.06 0.32 -4.51
C VAL B 270 -5.09 -0.84 -5.50
N ILE B 271 -6.13 -1.67 -5.41
CA ILE B 271 -6.33 -2.74 -6.37
C ILE B 271 -6.86 -2.20 -7.69
N GLY B 272 -8.01 -1.49 -7.63
CA GLY B 272 -8.66 -1.04 -8.84
C GLY B 272 -7.75 -0.23 -9.74
N LYS B 273 -6.88 0.58 -9.15
CA LYS B 273 -5.97 1.44 -9.90
C LYS B 273 -4.52 0.95 -9.92
N SER B 274 -4.26 -0.30 -9.52
CA SER B 274 -2.91 -0.87 -9.55
C SER B 274 -1.89 0.08 -8.92
N ILE B 275 -2.18 0.50 -7.68
CA ILE B 275 -1.32 1.46 -7.00
C ILE B 275 -0.23 0.71 -6.25
N THR B 276 0.99 1.27 -6.29
CA THR B 276 2.10 0.86 -5.43
C THR B 276 2.21 1.89 -4.30
N MET B 277 1.87 1.47 -3.08
CA MET B 277 1.93 2.33 -1.91
C MET B 277 3.06 1.83 -1.02
N THR B 278 4.09 2.65 -0.86
CA THR B 278 5.29 2.26 -0.13
C THR B 278 5.49 3.18 1.08
N GLY B 279 5.49 2.60 2.26
CA GLY B 279 5.95 3.32 3.44
C GLY B 279 7.46 3.15 3.67
N PHE B 280 8.06 4.10 4.37
CA PHE B 280 9.50 4.06 4.62
C PHE B 280 9.81 4.84 5.89
N ILE B 281 10.95 4.51 6.47
CA ILE B 281 11.57 5.24 7.58
C ILE B 281 12.93 5.70 7.07
N VAL B 282 13.19 7.02 7.11
CA VAL B 282 14.34 7.56 6.37
C VAL B 282 15.64 6.90 6.82
N SER B 283 15.76 6.61 8.12
CA SER B 283 16.98 5.98 8.61
C SER B 283 17.25 4.62 7.97
N ARG B 284 16.20 3.90 7.56
CA ARG B 284 16.41 2.59 6.97
C ARG B 284 17.01 2.66 5.57
N ILE B 285 16.71 3.75 4.83
CA ILE B 285 17.20 3.86 3.46
C ILE B 285 18.37 4.82 3.33
N GLU B 286 18.75 5.49 4.43
CA GLU B 286 19.79 6.52 4.34
C GLU B 286 21.17 5.97 3.96
N PRO B 287 21.58 4.78 4.42
CA PRO B 287 22.94 4.32 4.09
C PRO B 287 23.24 4.34 2.60
N LYS B 288 22.25 4.03 1.77
CA LYS B 288 22.44 4.02 0.32
C LYS B 288 22.67 5.42 -0.25
N TYR B 289 22.21 6.47 0.42
CA TYR B 289 22.22 7.82 -0.12
C TYR B 289 23.03 8.84 0.67
N SER B 290 23.53 8.53 1.85
CA SER B 290 24.07 9.57 2.72
CA SER B 290 24.06 9.58 2.72
C SER B 290 25.24 10.31 2.06
N ALA B 291 26.19 9.56 1.50
CA ALA B 291 27.36 10.20 0.89
C ALA B 291 26.95 11.16 -0.23
N GLU B 292 26.09 10.71 -1.13
CA GLU B 292 25.62 11.55 -2.23
C GLU B 292 24.85 12.77 -1.74
N PHE B 293 23.98 12.60 -0.73
CA PHE B 293 23.25 13.73 -0.15
C PHE B 293 24.22 14.81 0.37
N TYR B 294 25.17 14.43 1.23
CA TYR B 294 26.04 15.47 1.80
C TYR B 294 26.99 16.07 0.78
N LYS B 295 27.27 15.37 -0.32
CA LYS B 295 28.12 15.94 -1.35
C LYS B 295 27.36 16.93 -2.22
N GLU B 296 26.07 16.69 -2.42
CA GLU B 296 25.25 17.44 -3.36
C GLU B 296 24.48 18.60 -2.72
N VAL B 297 23.94 18.41 -1.52
CA VAL B 297 22.92 19.35 -1.05
C VAL B 297 23.51 20.67 -0.54
N PRO B 298 24.61 20.68 0.24
CA PRO B 298 25.09 21.97 0.77
C PRO B 298 25.33 23.03 -0.30
N ALA B 299 25.97 22.67 -1.42
CA ALA B 299 26.21 23.65 -2.47
C ALA B 299 24.90 24.24 -3.01
N LYS B 300 23.85 23.42 -3.10
CA LYS B 300 22.58 23.90 -3.64
C LYS B 300 21.84 24.80 -2.64
N VAL B 301 21.98 24.51 -1.35
CA VAL B 301 21.41 25.41 -0.35
C VAL B 301 22.13 26.76 -0.37
N ALA B 302 23.47 26.72 -0.51
CA ALA B 302 24.27 27.95 -0.50
C ALA B 302 23.94 28.86 -1.68
N SER B 303 23.68 28.28 -2.85
CA SER B 303 23.41 29.05 -4.07
C SER B 303 21.94 29.44 -4.24
N GLY B 304 21.03 28.85 -3.46
CA GLY B 304 19.61 29.09 -3.64
C GLY B 304 18.91 28.13 -4.58
N GLU B 305 19.63 27.19 -5.19
CA GLU B 305 18.99 26.18 -6.02
C GLU B 305 17.97 25.38 -5.22
N LEU B 306 18.32 25.01 -3.99
CA LEU B 306 17.39 24.38 -3.05
C LEU B 306 16.98 25.43 -2.02
N LYS B 307 15.71 25.81 -2.06
CA LYS B 307 15.19 26.83 -1.16
C LYS B 307 14.66 26.16 0.10
N TYR B 308 14.74 26.88 1.22
CA TYR B 308 14.19 26.37 2.47
C TYR B 308 13.66 27.53 3.30
N ARG B 309 12.78 27.20 4.25
CA ARG B 309 12.36 28.12 5.29
CA ARG B 309 12.33 28.12 5.27
C ARG B 309 12.44 27.43 6.63
N GLU B 310 12.50 28.23 7.69
CA GLU B 310 12.49 27.71 9.04
C GLU B 310 11.74 28.67 9.96
N HIS B 311 11.18 28.14 11.03
CA HIS B 311 10.51 28.93 12.06
C HIS B 311 11.33 28.73 13.33
N VAL B 312 12.09 29.75 13.71
CA VAL B 312 13.00 29.69 14.86
C VAL B 312 12.26 30.16 16.11
N TYR B 313 12.28 29.33 17.15
CA TYR B 313 11.74 29.67 18.46
C TYR B 313 12.92 29.78 19.43
N ASN B 314 13.02 30.90 20.14
CA ASN B 314 14.16 31.13 21.01
C ASN B 314 13.88 30.64 22.42
N GLY B 315 14.72 29.70 22.88
CA GLY B 315 14.72 29.30 24.28
C GLY B 315 14.31 27.85 24.48
N LEU B 316 15.17 27.08 25.13
CA LEU B 316 14.85 25.68 25.42
C LEU B 316 13.50 25.57 26.13
N GLU B 317 13.16 26.55 26.98
CA GLU B 317 11.92 26.50 27.73
C GLU B 317 10.68 26.52 26.84
N LYS B 318 10.80 26.90 25.56
CA LYS B 318 9.64 26.87 24.69
C LYS B 318 9.42 25.53 24.00
N LEU B 319 10.35 24.59 24.13
CA LEU B 319 10.34 23.43 23.22
C LEU B 319 9.04 22.65 23.34
N GLY B 320 8.52 22.50 24.55
CA GLY B 320 7.26 21.78 24.73
C GLY B 320 6.11 22.43 23.98
N ASP B 321 6.06 23.77 24.00
CA ASP B 321 5.03 24.47 23.22
C ASP B 321 5.26 24.28 21.73
N VAL B 322 6.51 24.24 21.29
CA VAL B 322 6.81 24.06 19.87
C VAL B 322 6.33 22.69 19.40
N ILE B 323 6.45 21.67 20.25
CA ILE B 323 5.95 20.35 19.87
C ILE B 323 4.46 20.42 19.56
N LEU B 324 3.69 21.07 20.46
CA LEU B 324 2.28 21.28 20.20
C LEU B 324 2.06 22.09 18.92
N ALA B 325 2.85 23.15 18.73
CA ALA B 325 2.69 24.00 17.54
C ALA B 325 2.81 23.18 16.26
N VAL B 326 3.80 22.28 16.21
CA VAL B 326 3.95 21.45 15.01
C VAL B 326 2.73 20.54 14.82
N GLN B 327 2.30 19.87 15.90
CA GLN B 327 1.12 19.00 15.78
C GLN B 327 -0.11 19.78 15.33
N LYS B 328 -0.22 21.05 15.73
CA LYS B 328 -1.36 21.89 15.38
C LYS B 328 -1.18 22.63 14.06
N GLY B 329 -0.04 22.46 13.38
CA GLY B 329 0.19 23.20 12.16
C GLY B 329 0.45 24.67 12.32
N GLU B 330 0.83 25.11 13.52
CA GLU B 330 1.06 26.52 13.75
C GLU B 330 2.51 26.96 13.49
N ASN B 331 3.45 26.04 13.32
CA ASN B 331 4.77 26.43 12.84
C ASN B 331 4.66 26.95 11.42
N LYS B 332 5.34 28.06 11.15
CA LYS B 332 5.31 28.65 9.82
C LYS B 332 6.19 27.91 8.83
N ALA B 333 7.12 27.12 9.33
CA ALA B 333 8.09 26.38 8.54
C ALA B 333 8.80 25.44 9.51
N LYS B 334 9.87 24.81 9.04
CA LYS B 334 10.58 23.82 9.83
C LYS B 334 10.89 24.37 11.21
N ALA B 335 10.46 23.64 12.25
CA ALA B 335 10.51 24.15 13.61
C ALA B 335 11.91 23.95 14.20
N VAL B 336 12.53 25.05 14.62
CA VAL B 336 13.86 25.03 15.21
C VAL B 336 13.75 25.71 16.57
N VAL B 337 14.26 25.04 17.60
CA VAL B 337 14.43 25.68 18.91
C VAL B 337 15.87 26.11 19.02
N HIS B 338 16.08 27.42 19.00
CA HIS B 338 17.41 28.01 19.18
C HIS B 338 17.71 28.01 20.67
N VAL B 339 18.60 27.13 21.10
CA VAL B 339 18.86 26.94 22.53
C VAL B 339 19.87 27.95 23.05
N ALA B 340 20.91 28.22 22.27
CA ALA B 340 21.98 29.09 22.70
C ALA B 340 22.72 29.56 21.47
N ASP B 341 23.43 30.69 21.63
CA ASP B 341 24.24 31.23 20.56
C ASP B 341 25.65 30.64 20.59
N ASP B 342 26.30 30.75 19.44
CA ASP B 342 27.69 30.37 19.27
C ASP B 342 28.53 31.64 19.26
N LEU B 343 29.67 31.63 19.94
CA LEU B 343 30.44 32.88 20.12
C LEU B 343 31.36 33.06 18.92
N GLU B 344 30.71 33.34 17.78
CA GLU B 344 31.32 33.51 16.47
C GLU B 344 30.19 33.70 15.47
N HIS B 345 30.19 34.85 14.78
CA HIS B 345 29.08 35.30 13.93
C HIS B 345 28.12 36.19 14.70
N HIS B 346 27.60 35.69 15.82
CA HIS B 346 26.72 36.45 16.70
C HIS B 346 27.49 36.75 17.99
N HIS B 347 28.19 37.87 18.00
CA HIS B 347 28.92 38.35 19.17
C HIS B 347 28.04 39.34 19.92
N HIS B 348 27.83 39.08 21.21
CA HIS B 348 26.98 39.95 22.02
C HIS B 348 27.75 41.19 22.46
N HIS B 349 27.12 42.34 22.32
CA HIS B 349 27.71 43.65 22.61
C HIS B 349 26.58 44.65 22.57
N HIS B 350 26.78 45.77 23.22
CA HIS B 350 25.83 46.87 23.17
C HIS B 350 26.37 47.96 22.25
PA NAP C . -13.05 -17.95 -4.06
O1A NAP C . -13.43 -19.20 -4.83
O2A NAP C . -12.02 -18.29 -3.04
O5B NAP C . -14.46 -17.34 -3.47
C5B NAP C . -14.50 -16.19 -2.68
C4B NAP C . -14.18 -16.67 -1.25
O4B NAP C . -13.90 -15.61 -0.51
C3B NAP C . -15.34 -17.39 -0.56
O3B NAP C . -15.33 -18.74 -0.87
C2B NAP C . -14.96 -17.13 0.91
O2B NAP C . -14.13 -18.31 1.30
C1B NAP C . -14.24 -16.02 1.00
N9A NAP C . -15.07 -14.97 1.53
C8A NAP C . -16.27 -14.52 1.12
N7A NAP C . -16.66 -13.55 1.93
C5A NAP C . -15.69 -13.37 2.84
C6A NAP C . -15.62 -12.48 3.88
N6A NAP C . -16.55 -11.47 4.33
N1A NAP C . -14.56 -12.48 4.68
C2A NAP C . -13.54 -13.34 4.45
N3A NAP C . -13.60 -14.22 3.41
C4A NAP C . -14.70 -14.24 2.61
O3 NAP C . -12.52 -16.83 -5.13
PN NAP C . -11.09 -16.65 -5.88
O1N NAP C . -9.98 -17.56 -5.36
O2N NAP C . -11.26 -16.81 -7.37
O5D NAP C . -10.65 -15.09 -5.62
C5D NAP C . -10.23 -14.79 -4.32
C4D NAP C . -10.02 -13.26 -4.24
O4D NAP C . -9.10 -12.94 -5.14
C3D NAP C . -11.25 -12.38 -4.52
O3D NAP C . -11.19 -11.38 -3.57
C2D NAP C . -11.01 -11.82 -5.93
O2D NAP C . -11.87 -10.61 -6.03
C1D NAP C . -9.70 -11.68 -5.94
N1N NAP C . -9.20 -11.74 -7.27
C2N NAP C . -8.47 -10.69 -7.66
C3N NAP C . -7.96 -10.63 -8.93
C7N NAP C . -7.16 -9.41 -9.34
O7N NAP C . -6.79 -8.57 -8.55
N7N NAP C . -6.86 -9.27 -10.73
C4N NAP C . -8.16 -11.65 -9.81
C5N NAP C . -8.87 -12.75 -9.43
C6N NAP C . -9.39 -12.79 -8.13
P2B NAP C . -13.67 -18.57 2.87
O1X NAP C . -14.36 -17.47 3.65
O2X NAP C . -14.14 -19.93 3.29
O3X NAP C . -12.17 -18.50 3.04
H51A NAP C . -15.48 -15.74 -2.72
H52A NAP C . -13.77 -15.48 -3.03
H4B NAP C . -13.35 -17.37 -1.28
H3B NAP C . -16.32 -17.01 -0.81
HO3A NAP C . -15.62 -19.23 -0.13
H2B NAP C . -15.84 -16.95 1.50
H1B NAP C . -13.34 -16.20 1.59
H8A NAP C . -16.83 -14.90 0.28
H61A NAP C . -17.27 -11.69 4.98
H62A NAP C . -16.49 -10.53 3.95
H2A NAP C . -12.67 -13.33 5.09
H51N NAP C . -9.31 -15.31 -4.09
H52N NAP C . -11.00 -15.08 -3.61
H4D NAP C . -9.72 -13.00 -3.22
H3D NAP C . -12.19 -12.91 -4.52
HO3N NAP C . -11.46 -11.71 -2.72
H2D NAP C . -11.23 -12.44 -6.79
HO2N NAP C . -12.38 -10.55 -5.24
H1D NAP C . -9.46 -10.75 -5.44
H2N NAP C . -8.29 -9.87 -6.97
H71N NAP C . -7.16 -9.96 -11.39
H72N NAP C . -6.34 -8.48 -11.03
H4N NAP C . -7.75 -11.60 -10.81
H5N NAP C . -9.03 -13.56 -10.11
H6N NAP C . -9.96 -13.66 -7.82
S SO4 D . -27.92 -31.99 -10.03
O1 SO4 D . -28.17 -31.77 -11.49
O2 SO4 D . -29.22 -32.16 -9.31
O3 SO4 D . -27.18 -30.81 -9.47
O4 SO4 D . -27.09 -33.23 -9.85
S SO4 E . -5.00 -34.30 -5.43
O1 SO4 E . -5.35 -32.84 -5.28
O2 SO4 E . -6.24 -35.09 -5.65
O3 SO4 E . -4.33 -34.77 -4.18
O4 SO4 E . -4.07 -34.47 -6.60
PA NAP F . 6.30 20.11 9.25
O1A NAP F . 5.79 20.34 7.84
O2A NAP F . 7.27 21.21 9.60
O5B NAP F . 5.17 20.14 10.40
C5B NAP F . 4.06 19.29 10.33
C4B NAP F . 3.02 20.02 9.48
O4B NAP F . 2.01 19.20 9.26
C3B NAP F . 2.40 21.20 10.26
O3B NAP F . 3.07 22.36 10.08
C2B NAP F . 1.05 21.27 9.51
O2B NAP F . 1.34 22.05 8.25
C1B NAP F . 0.68 20.07 9.10
N9A NAP F . -0.37 19.49 9.90
C8A NAP F . -0.51 19.33 11.23
N7A NAP F . -1.68 18.73 11.46
C5A NAP F . -2.25 18.53 10.26
C6A NAP F . -3.46 17.96 9.95
N6A NAP F . -4.48 17.40 10.82
N1A NAP F . -3.86 17.86 8.69
C2A NAP F . -3.04 18.32 7.69
N3A NAP F . -1.84 18.89 7.99
C4A NAP F . -1.46 18.99 9.30
O3 NAP F . 6.96 18.63 9.46
PN NAP F . 7.96 17.86 8.41
O1N NAP F . 9.32 17.74 9.05
O2N NAP F . 8.08 18.57 7.09
O5D NAP F . 7.27 16.37 8.25
C5D NAP F . 6.08 16.29 7.49
C4D NAP F . 5.63 14.81 7.53
O4D NAP F . 6.67 14.07 7.13
C3D NAP F . 5.26 14.37 8.96
O3D NAP F . 4.06 13.73 8.86
C2D NAP F . 6.43 13.47 9.38
O2D NAP F . 5.82 12.64 10.44
C1D NAP F . 6.77 12.91 8.23
N1N NAP F . 8.14 12.51 8.22
C2N NAP F . 8.36 11.20 7.98
C3N NAP F . 9.63 10.73 7.93
C7N NAP F . 9.83 9.24 7.64
O7N NAP F . 8.96 8.52 7.23
N7N NAP F . 11.14 8.72 7.85
C4N NAP F . 10.70 11.56 8.12
C5N NAP F . 10.51 12.88 8.36
C6N NAP F . 9.20 13.36 8.39
P2B NAP F . 0.11 22.62 7.32
O1X NAP F . 0.19 22.05 5.92
O2X NAP F . -1.18 22.17 7.94
O3X NAP F . 0.18 24.13 7.22
H51A NAP F . 3.68 19.08 11.32
H52A NAP F . 4.35 18.36 9.85
H4B NAP F . 3.45 20.40 8.56
H3B NAP F . 2.35 21.02 11.32
HO3A NAP F . 3.77 22.41 10.72
H2B NAP F . 0.30 21.66 10.18
H1B NAP F . 0.33 20.13 8.09
H8A NAP F . 0.20 19.63 11.99
H61A NAP F . -5.34 17.06 10.43
H62A NAP F . -4.31 17.35 11.81
H2A NAP F . -3.35 18.25 6.67
H51N NAP F . 6.27 16.61 6.48
H52N NAP F . 5.32 16.93 7.94
H4D NAP F . 4.77 14.63 6.89
H3D NAP F . 5.20 15.17 9.70
HO3N NAP F . 3.86 13.28 9.67
H2D NAP F . 7.36 13.89 9.75
HO2N NAP F . 6.52 12.23 10.93
H1D NAP F . 6.09 12.08 8.07
H2N NAP F . 7.52 10.53 7.82
H71N NAP F . 11.29 7.75 7.67
H72N NAP F . 11.89 9.29 8.18
H4N NAP F . 11.71 11.16 8.09
H5N NAP F . 11.34 13.55 8.53
H6N NAP F . 9.02 14.41 8.55
S SO4 G . 16.78 5.34 18.43
O1 SO4 G . 15.66 5.07 19.40
O2 SO4 G . 16.60 4.51 17.19
O3 SO4 G . 18.09 4.99 19.08
O4 SO4 G . 16.78 6.79 18.07
S SO4 H . 14.04 5.74 -11.59
O1 SO4 H . 14.00 5.21 -10.18
O2 SO4 H . 12.84 5.24 -12.34
O3 SO4 H . 14.02 7.24 -11.55
O4 SO4 H . 15.29 5.27 -12.27
S SO4 I . -17.73 12.11 4.31
O1 SO4 I . -18.65 11.12 4.93
O2 SO4 I . -18.54 13.15 3.58
O3 SO4 I . -16.91 12.78 5.38
O4 SO4 I . -16.82 11.42 3.34
NA NA J . -1.19 25.39 9.44
#